data_1VH4
#
_entry.id   1VH4
#
_cell.length_a   56.996
_cell.length_b   96.154
_cell.length_c   90.808
_cell.angle_alpha   90.00
_cell.angle_beta   105.78
_cell.angle_gamma   90.00
#
_symmetry.space_group_name_H-M   'P 1 21 1'
#
loop_
_entity.id
_entity.type
_entity.pdbx_description
1 polymer 'SufD protein'
2 water water
#
_entity_poly.entity_id   1
_entity_poly.type   'polypeptide(L)'
_entity_poly.pdbx_seq_one_letter_code
;SLMAGLPNSSNALQQWHHLFEAEGTKRSPQAQQHLQQLLRTGLPTRKHENWKYTPLEGLINSQFVSIAGEISPQQRDALA
LTLDSVRLVFVDGRYVPALSDATEGSGYEVSINDDRQGLPDAIQAEVFLHLTESLAQSVTHIAVKRGQRPAKPLLLMHIT
QGVAGEEVNTAHYRHHLDLAEGAEATVIEHFVSLNDARHFTGARFTINVAANAHLQHIKLAFENPLSHHFAHNDLLLAED
ATAFSHSFLLGGAVLRHNTSTQLNGENSTLRINSLAMPVKNEVCDTRTWLEHNKGFCNSRQLHKTIVSDKGRAVFNGLIN
VAQHAIKTDGQMTNNNLLMGKLAEVDTKPQLEIYADDVKCSHGATVGRIDDEQIFYLRSRGINQQDAQQMIIYAFAAELT
EALRDEGLKQQVLARIGQRLPGGAREGGSHHHHHH
;
_entity_poly.pdbx_strand_id   A,B
#
# COMPACT_ATOMS: atom_id res chain seq x y z
N ASN A 11 28.07 5.86 -10.10
CA ASN A 11 28.86 5.65 -11.32
C ASN A 11 28.10 4.79 -12.32
N ALA A 12 26.99 4.21 -11.87
CA ALA A 12 26.17 3.36 -12.74
C ALA A 12 25.64 4.15 -13.92
N LEU A 13 25.06 5.32 -13.66
CA LEU A 13 24.52 6.17 -14.72
C LEU A 13 25.59 6.56 -15.74
N GLN A 14 26.76 6.96 -15.24
CA GLN A 14 27.87 7.33 -16.11
C GLN A 14 28.26 6.18 -17.02
N GLN A 15 28.36 4.97 -16.47
CA GLN A 15 28.69 3.79 -17.24
C GLN A 15 27.62 3.46 -18.27
N TRP A 16 26.35 3.50 -17.85
CA TRP A 16 25.25 3.22 -18.77
C TRP A 16 25.22 4.25 -19.89
N HIS A 17 25.46 5.51 -19.54
CA HIS A 17 25.56 6.59 -20.50
C HIS A 17 26.62 6.29 -21.55
N HIS A 18 27.78 5.81 -21.13
CA HIS A 18 28.87 5.47 -22.02
C HIS A 18 28.54 4.28 -22.91
N LEU A 19 27.79 3.32 -22.38
CA LEU A 19 27.35 2.17 -23.16
C LEU A 19 26.43 2.63 -24.30
N PHE A 20 25.64 3.65 -24.04
CA PHE A 20 24.73 4.23 -25.01
C PHE A 20 25.47 4.91 -26.17
N GLU A 21 26.38 5.82 -25.83
CA GLU A 21 27.14 6.57 -26.82
C GLU A 21 28.13 5.72 -27.60
N ALA A 22 28.53 4.59 -27.06
CA ALA A 22 29.45 3.68 -27.72
C ALA A 22 28.92 3.26 -29.10
N LYS A 26 23.01 6.30 -35.73
CA LYS A 26 23.47 5.59 -34.53
C LYS A 26 22.26 5.20 -33.68
N ARG A 27 22.18 5.70 -32.46
CA ARG A 27 21.05 5.45 -31.58
C ARG A 27 19.82 6.21 -32.08
N SER A 28 18.66 5.57 -32.00
CA SER A 28 17.43 6.22 -32.47
C SER A 28 17.10 7.41 -31.59
N PRO A 29 16.32 8.34 -32.11
CA PRO A 29 15.89 9.51 -31.34
C PRO A 29 15.07 9.12 -30.11
N GLN A 30 14.27 8.06 -30.25
CA GLN A 30 13.46 7.53 -29.15
C GLN A 30 14.36 7.07 -28.01
N ALA A 31 15.40 6.30 -28.36
CA ALA A 31 16.36 5.82 -27.36
C ALA A 31 17.05 6.99 -26.69
N GLN A 32 17.40 8.00 -27.51
CA GLN A 32 17.98 9.23 -26.97
C GLN A 32 17.06 9.91 -25.97
N GLN A 33 15.76 9.95 -26.24
CA GLN A 33 14.79 10.56 -25.34
C GLN A 33 14.72 9.82 -24.01
N HIS A 34 14.72 8.48 -24.04
CA HIS A 34 14.68 7.71 -22.80
C HIS A 34 15.95 7.87 -21.98
N LEU A 35 17.11 7.95 -22.67
CA LEU A 35 18.36 8.16 -21.94
C LEU A 35 18.31 9.50 -21.23
N GLN A 36 17.83 10.51 -21.95
CA GLN A 36 17.68 11.85 -21.40
C GLN A 36 16.82 11.83 -20.14
N GLN A 37 15.69 11.13 -20.21
CA GLN A 37 14.81 10.98 -19.06
C GLN A 37 15.46 10.19 -17.93
N LEU A 38 16.20 9.14 -18.28
CA LEU A 38 16.90 8.33 -17.30
C LEU A 38 17.86 9.16 -16.46
N LEU A 39 18.72 9.92 -17.14
CA LEU A 39 19.69 10.78 -16.47
C LEU A 39 19.03 11.87 -15.65
N ARG A 40 17.85 12.29 -16.07
CA ARG A 40 17.06 13.30 -15.39
C ARG A 40 16.36 12.75 -14.16
N THR A 41 15.92 11.50 -14.23
CA THR A 41 15.24 10.85 -13.10
C THR A 41 16.24 10.32 -12.09
N GLY A 42 17.40 9.86 -12.58
CA GLY A 42 18.47 9.35 -11.72
C GLY A 42 18.07 8.06 -11.04
N LEU A 43 18.97 7.53 -10.21
CA LEU A 43 18.71 6.30 -9.47
C LEU A 43 18.06 6.61 -8.13
N PRO A 44 17.12 5.78 -7.70
CA PRO A 44 16.41 5.99 -6.45
C PRO A 44 17.18 5.45 -5.26
N THR A 45 16.77 5.86 -4.06
CA THR A 45 17.36 5.36 -2.82
C THR A 45 16.34 4.49 -2.10
N ARG A 46 16.73 3.96 -0.95
CA ARG A 46 15.84 3.17 -0.10
C ARG A 46 14.70 4.01 0.46
N LYS A 47 14.77 5.33 0.37
CA LYS A 47 13.75 6.24 0.82
C LYS A 47 12.69 6.49 -0.25
N HIS A 48 12.91 6.05 -1.48
CA HIS A 48 11.89 6.25 -2.52
C HIS A 48 10.69 5.35 -2.24
N GLU A 49 9.48 5.87 -2.44
CA GLU A 49 8.24 5.16 -2.24
C GLU A 49 8.22 3.74 -2.79
N ASN A 50 8.80 3.50 -3.97
CA ASN A 50 8.77 2.20 -4.59
C ASN A 50 10.06 1.42 -4.49
N TRP A 51 10.99 1.80 -3.63
CA TRP A 51 12.27 1.10 -3.55
C TRP A 51 12.73 0.78 -2.14
N LYS A 52 11.80 0.78 -1.18
CA LYS A 52 12.15 0.52 0.20
C LYS A 52 12.70 -0.87 0.45
N TYR A 53 12.30 -1.86 -0.36
CA TYR A 53 12.66 -3.24 -0.12
C TYR A 53 13.48 -3.91 -1.20
N THR A 54 13.91 -3.21 -2.23
CA THR A 54 14.67 -3.81 -3.34
C THR A 54 16.04 -3.18 -3.46
N PRO A 55 17.07 -3.94 -3.09
CA PRO A 55 18.44 -3.45 -3.09
C PRO A 55 19.05 -3.28 -4.45
N LEU A 56 19.76 -2.16 -4.64
CA LEU A 56 20.44 -1.85 -5.89
C LEU A 56 21.96 -1.81 -5.71
N GLU A 57 22.43 -1.95 -4.48
CA GLU A 57 23.85 -1.90 -4.18
C GLU A 57 24.67 -2.88 -4.98
N GLY A 58 24.27 -4.16 -4.97
CA GLY A 58 24.93 -5.21 -5.70
C GLY A 58 25.02 -4.95 -7.20
N LEU A 59 24.22 -4.05 -7.72
CA LEU A 59 24.22 -3.69 -9.12
C LEU A 59 24.90 -2.35 -9.37
N ILE A 60 24.53 -1.32 -8.62
CA ILE A 60 25.08 0.01 -8.77
C ILE A 60 26.60 0.04 -8.60
N ASN A 61 27.14 -0.70 -7.64
CA ASN A 61 28.57 -0.73 -7.39
C ASN A 61 29.32 -1.72 -8.24
N SER A 62 28.99 -1.83 -9.52
CA SER A 62 29.63 -2.76 -10.43
C SER A 62 30.17 -2.06 -11.68
N GLN A 63 31.06 -2.74 -12.37
CA GLN A 63 31.63 -2.23 -13.62
C GLN A 63 30.91 -2.90 -14.79
N PHE A 64 30.28 -2.10 -15.64
CA PHE A 64 29.51 -2.66 -16.74
C PHE A 64 30.25 -2.70 -18.07
N VAL A 65 29.93 -3.71 -18.86
CA VAL A 65 30.42 -3.89 -20.22
C VAL A 65 29.25 -4.38 -21.10
N SER A 66 29.44 -4.37 -22.41
CA SER A 66 28.43 -4.85 -23.34
C SER A 66 29.08 -5.71 -24.41
N ILE A 67 29.19 -7.00 -24.13
CA ILE A 67 29.82 -7.91 -25.08
C ILE A 67 28.78 -8.85 -25.70
N ALA A 68 28.69 -8.81 -27.02
CA ALA A 68 27.76 -9.68 -27.74
C ALA A 68 28.48 -10.97 -28.14
N GLY A 69 28.27 -12.00 -27.34
CA GLY A 69 28.92 -13.29 -27.57
C GLY A 69 28.20 -14.11 -28.62
N GLU A 70 28.93 -15.09 -29.18
CA GLU A 70 28.37 -15.97 -30.20
C GLU A 70 28.11 -17.35 -29.61
N ILE A 71 27.00 -17.97 -29.96
CA ILE A 71 26.60 -19.27 -29.42
C ILE A 71 26.27 -20.26 -30.52
N SER A 72 26.54 -21.54 -30.27
CA SER A 72 26.24 -22.59 -31.23
C SER A 72 24.81 -23.08 -31.04
N PRO A 73 24.26 -23.77 -32.03
CA PRO A 73 22.94 -24.36 -31.93
C PRO A 73 22.86 -25.40 -30.83
N GLN A 74 23.96 -26.10 -30.58
CA GLN A 74 24.04 -27.10 -29.53
C GLN A 74 23.85 -26.48 -28.15
N GLN A 75 24.47 -25.33 -27.94
CA GLN A 75 24.36 -24.60 -26.68
C GLN A 75 22.92 -24.09 -26.51
N ARG A 76 22.31 -23.70 -27.63
CA ARG A 76 20.92 -23.25 -27.62
C ARG A 76 19.98 -24.38 -27.25
N ASP A 77 20.17 -25.54 -27.87
CA ASP A 77 19.31 -26.69 -27.62
C ASP A 77 19.42 -27.18 -26.18
N ALA A 78 20.58 -27.03 -25.58
CA ALA A 78 20.82 -27.45 -24.21
C ALA A 78 20.05 -26.60 -23.20
N LEU A 79 19.80 -25.34 -23.54
CA LEU A 79 19.06 -24.45 -22.66
C LEU A 79 17.60 -24.26 -23.05
N ALA A 80 17.21 -24.73 -24.23
CA ALA A 80 15.89 -24.51 -24.77
C ALA A 80 14.79 -25.36 -24.15
N LEU A 81 13.58 -24.77 -24.18
CA LEU A 81 12.41 -25.49 -23.72
C LEU A 81 12.04 -26.55 -24.77
N THR A 82 11.45 -27.63 -24.32
CA THR A 82 10.89 -28.63 -25.24
C THR A 82 9.48 -28.16 -25.56
N LEU A 83 9.28 -27.65 -26.77
CA LEU A 83 7.99 -27.10 -27.15
C LEU A 83 7.96 -26.84 -28.66
N ASP A 84 6.84 -27.15 -29.29
CA ASP A 84 6.67 -26.86 -30.71
C ASP A 84 6.22 -25.42 -30.86
N SER A 85 7.11 -24.54 -31.33
CA SER A 85 6.72 -23.14 -31.46
C SER A 85 7.49 -22.44 -32.58
N VAL A 86 7.21 -21.17 -32.73
CA VAL A 86 7.95 -20.30 -33.66
C VAL A 86 8.99 -19.60 -32.79
N ARG A 87 10.20 -20.15 -32.77
CA ARG A 87 11.22 -19.65 -31.87
C ARG A 87 12.18 -18.64 -32.46
N LEU A 88 12.25 -17.49 -31.79
CA LEU A 88 13.19 -16.44 -32.11
C LEU A 88 14.24 -16.39 -30.99
N VAL A 89 15.52 -16.46 -31.36
CA VAL A 89 16.58 -16.52 -30.37
C VAL A 89 17.39 -15.25 -30.30
N PHE A 90 17.55 -14.75 -29.08
CA PHE A 90 18.29 -13.54 -28.79
C PHE A 90 19.45 -13.86 -27.86
N VAL A 91 20.65 -13.42 -28.24
CA VAL A 91 21.85 -13.69 -27.48
C VAL A 91 22.59 -12.40 -27.12
N ASP A 92 22.80 -12.16 -25.84
CA ASP A 92 23.49 -10.98 -25.35
C ASP A 92 22.97 -9.69 -25.94
N GLY A 93 21.64 -9.51 -25.97
CA GLY A 93 21.04 -8.30 -26.48
C GLY A 93 20.85 -8.23 -27.96
N ARG A 94 21.20 -9.27 -28.70
CA ARG A 94 21.08 -9.23 -30.16
C ARG A 94 20.31 -10.39 -30.73
N TYR A 95 19.43 -10.09 -31.71
CA TYR A 95 18.68 -11.14 -32.40
C TYR A 95 19.70 -11.95 -33.22
N VAL A 96 19.56 -13.26 -33.20
CA VAL A 96 20.43 -14.13 -33.99
C VAL A 96 19.61 -14.93 -34.99
N PRO A 97 19.55 -14.45 -36.23
CA PRO A 97 18.84 -15.11 -37.30
C PRO A 97 19.27 -16.54 -37.54
N ALA A 98 20.57 -16.83 -37.45
CA ALA A 98 21.10 -18.16 -37.68
C ALA A 98 20.57 -19.22 -36.71
N LEU A 99 20.11 -18.83 -35.54
CA LEU A 99 19.59 -19.71 -34.51
C LEU A 99 18.08 -19.65 -34.41
N SER A 100 17.47 -18.75 -35.18
CA SER A 100 16.02 -18.58 -35.11
C SER A 100 15.25 -19.24 -36.22
N ASP A 101 13.97 -19.47 -35.97
CA ASP A 101 13.05 -20.06 -36.92
C ASP A 101 12.59 -19.03 -37.93
N ALA A 102 12.05 -19.52 -39.04
CA ALA A 102 11.52 -18.60 -40.07
C ALA A 102 10.24 -17.97 -39.52
N THR A 103 10.05 -16.68 -39.76
CA THR A 103 8.84 -16.01 -39.31
C THR A 103 7.94 -15.75 -40.52
N GLU A 104 8.59 -15.75 -41.69
CA GLU A 104 7.84 -15.55 -42.94
C GLU A 104 6.93 -16.75 -43.17
N GLY A 105 5.62 -16.54 -43.18
CA GLY A 105 4.67 -17.61 -43.39
C GLY A 105 4.26 -18.32 -42.12
N SER A 106 4.73 -17.89 -40.96
CA SER A 106 4.44 -18.53 -39.70
C SER A 106 3.12 -18.07 -39.09
N GLY A 107 2.54 -17.00 -39.60
CA GLY A 107 1.31 -16.45 -39.03
C GLY A 107 1.66 -15.16 -38.28
N TYR A 108 2.95 -14.99 -37.98
CA TYR A 108 3.43 -13.81 -37.29
C TYR A 108 4.21 -12.93 -38.27
N GLU A 109 3.80 -11.69 -38.44
CA GLU A 109 4.54 -10.76 -39.29
C GLU A 109 5.63 -10.14 -38.42
N VAL A 110 6.88 -10.45 -38.74
CA VAL A 110 7.99 -10.01 -37.92
C VAL A 110 9.01 -9.19 -38.70
N SER A 111 9.38 -8.05 -38.14
CA SER A 111 10.43 -7.22 -38.69
C SER A 111 11.38 -6.86 -37.55
N ILE A 112 12.68 -7.10 -37.76
CA ILE A 112 13.66 -6.74 -36.73
C ILE A 112 14.54 -5.60 -37.24
N ASN A 113 14.42 -4.45 -36.61
CA ASN A 113 15.17 -3.26 -36.98
C ASN A 113 15.27 -2.34 -35.77
N ASP A 114 15.65 -1.09 -35.96
CA ASP A 114 15.71 -0.15 -34.85
C ASP A 114 14.83 1.08 -35.07
N ASP A 115 13.78 0.92 -35.88
CA ASP A 115 12.83 2.00 -36.11
C ASP A 115 11.79 1.96 -35.00
N ARG A 116 11.56 3.08 -34.33
CA ARG A 116 10.66 3.08 -33.17
C ARG A 116 9.56 4.12 -33.23
N GLN A 117 9.25 4.63 -34.42
CA GLN A 117 8.21 5.65 -34.55
C GLN A 117 6.82 5.17 -34.21
N GLY A 118 6.53 3.88 -34.37
CA GLY A 118 5.22 3.33 -34.09
C GLY A 118 5.01 2.84 -32.67
N LEU A 119 6.03 2.83 -31.83
CA LEU A 119 5.88 2.35 -30.46
C LEU A 119 5.08 3.31 -29.60
N PRO A 120 4.11 2.80 -28.86
CA PRO A 120 3.29 3.62 -27.98
C PRO A 120 4.06 4.20 -26.81
N ASP A 121 3.54 5.25 -26.20
CA ASP A 121 4.18 5.84 -25.04
C ASP A 121 4.11 4.85 -23.87
N ALA A 122 5.02 4.99 -22.92
CA ALA A 122 5.02 4.11 -21.75
C ALA A 122 3.81 4.41 -20.87
N ILE A 123 3.23 3.35 -20.30
CA ILE A 123 2.10 3.56 -19.39
C ILE A 123 2.58 4.17 -18.07
N GLN A 124 3.68 3.63 -17.55
CA GLN A 124 4.25 4.02 -16.28
C GLN A 124 5.77 4.16 -16.42
N ALA A 125 6.23 5.38 -16.70
CA ALA A 125 7.68 5.57 -16.86
C ALA A 125 8.40 5.39 -15.52
N GLU A 126 9.55 4.75 -15.57
CA GLU A 126 10.39 4.53 -14.40
C GLU A 126 11.82 4.22 -14.86
N VAL A 127 12.79 4.45 -14.00
CA VAL A 127 14.20 4.32 -14.29
C VAL A 127 14.63 3.16 -15.15
N PHE A 128 14.29 1.92 -14.76
CA PHE A 128 14.77 0.76 -15.50
C PHE A 128 14.11 0.57 -16.84
N LEU A 129 12.89 1.06 -17.01
CA LEU A 129 12.22 1.04 -18.30
C LEU A 129 12.98 1.96 -19.27
N HIS A 130 13.35 3.13 -18.77
CA HIS A 130 14.13 4.09 -19.57
C HIS A 130 15.49 3.53 -19.96
N LEU A 131 16.14 2.80 -19.05
CA LEU A 131 17.43 2.19 -19.33
C LEU A 131 17.33 1.18 -20.46
N THR A 132 16.33 0.29 -20.38
CA THR A 132 16.16 -0.74 -21.40
C THR A 132 15.82 -0.13 -22.74
N GLU A 133 14.96 0.90 -22.76
CA GLU A 133 14.63 1.55 -24.03
C GLU A 133 15.90 2.13 -24.66
N SER A 134 16.69 2.81 -23.83
CA SER A 134 17.89 3.47 -24.33
C SER A 134 18.98 2.53 -24.80
N LEU A 135 19.15 1.37 -24.16
CA LEU A 135 20.22 0.47 -24.53
C LEU A 135 19.88 -0.65 -25.46
N ALA A 136 18.59 -0.96 -25.67
CA ALA A 136 18.26 -2.04 -26.60
C ALA A 136 18.85 -1.67 -27.96
N GLN A 137 19.45 -2.64 -28.63
CA GLN A 137 20.10 -2.39 -29.91
C GLN A 137 19.19 -2.59 -31.10
N SER A 138 18.01 -3.14 -30.85
CA SER A 138 17.02 -3.36 -31.89
C SER A 138 15.66 -3.60 -31.24
N VAL A 139 14.63 -3.60 -32.05
CA VAL A 139 13.26 -3.84 -31.58
C VAL A 139 12.68 -4.97 -32.43
N THR A 140 12.08 -5.95 -31.79
CA THR A 140 11.42 -7.05 -32.48
C THR A 140 9.98 -6.64 -32.76
N HIS A 141 9.70 -6.25 -34.00
CA HIS A 141 8.35 -5.81 -34.36
C HIS A 141 7.53 -7.01 -34.79
N ILE A 142 6.52 -7.35 -33.97
CA ILE A 142 5.68 -8.50 -34.20
C ILE A 142 4.22 -8.06 -34.39
N ALA A 143 3.56 -8.68 -35.36
CA ALA A 143 2.16 -8.37 -35.60
C ALA A 143 1.40 -9.61 -36.06
N VAL A 144 0.18 -9.76 -35.58
CA VAL A 144 -0.72 -10.82 -36.01
C VAL A 144 -1.89 -10.10 -36.71
N LYS A 145 -2.09 -10.37 -38.00
CA LYS A 145 -3.12 -9.72 -38.77
C LYS A 145 -4.53 -9.99 -38.29
N ARG A 146 -5.45 -9.13 -38.70
CA ARG A 146 -6.86 -9.20 -38.36
C ARG A 146 -7.45 -10.59 -38.51
N GLY A 147 -8.13 -11.05 -37.48
CA GLY A 147 -8.81 -12.32 -37.40
C GLY A 147 -7.95 -13.56 -37.47
N GLN A 148 -6.63 -13.43 -37.47
CA GLN A 148 -5.73 -14.56 -37.60
C GLN A 148 -5.35 -15.20 -36.27
N ARG A 149 -5.16 -16.51 -36.29
CA ARG A 149 -4.75 -17.27 -35.12
C ARG A 149 -3.62 -18.24 -35.49
N PRO A 150 -2.38 -17.84 -35.26
CA PRO A 150 -1.23 -18.68 -35.59
C PRO A 150 -1.34 -20.07 -35.00
N ALA A 151 -0.83 -21.06 -35.74
CA ALA A 151 -0.91 -22.45 -35.30
C ALA A 151 -0.05 -22.73 -34.08
N LYS A 152 1.15 -22.18 -34.04
CA LYS A 152 2.07 -22.42 -32.93
C LYS A 152 2.29 -21.13 -32.15
N PRO A 153 2.60 -21.24 -30.87
CA PRO A 153 2.89 -20.06 -30.06
C PRO A 153 4.23 -19.46 -30.47
N LEU A 154 4.40 -18.19 -30.20
CA LEU A 154 5.64 -17.47 -30.48
C LEU A 154 6.53 -17.53 -29.24
N LEU A 155 7.74 -18.01 -29.41
CA LEU A 155 8.68 -18.13 -28.30
C LEU A 155 9.86 -17.19 -28.50
N LEU A 156 10.05 -16.30 -27.54
CA LEU A 156 11.18 -15.38 -27.54
C LEU A 156 12.19 -15.88 -26.51
N MET A 157 13.23 -16.56 -27.02
CA MET A 157 14.22 -17.13 -26.12
C MET A 157 15.43 -16.21 -25.99
N HIS A 158 15.75 -15.82 -24.76
CA HIS A 158 16.83 -14.91 -24.46
C HIS A 158 17.96 -15.65 -23.74
N ILE A 159 19.15 -15.59 -24.33
CA ILE A 159 20.32 -16.24 -23.75
C ILE A 159 21.37 -15.18 -23.42
N THR A 160 21.60 -14.96 -22.12
CA THR A 160 22.54 -13.92 -21.70
C THR A 160 23.70 -14.55 -20.92
N GLN A 161 24.92 -14.07 -21.17
CA GLN A 161 26.07 -14.64 -20.48
C GLN A 161 26.88 -13.54 -19.80
N GLY A 162 27.55 -13.90 -18.71
CA GLY A 162 28.40 -12.94 -18.02
C GLY A 162 29.84 -13.17 -18.53
N VAL A 163 30.74 -12.27 -18.17
CA VAL A 163 32.14 -12.41 -18.57
C VAL A 163 32.98 -12.84 -17.39
N ALA A 164 34.22 -13.22 -17.67
CA ALA A 164 35.14 -13.61 -16.59
C ALA A 164 35.61 -12.35 -15.88
N GLY A 165 35.84 -12.42 -14.58
CA GLY A 165 36.30 -11.26 -13.83
C GLY A 165 35.20 -10.66 -12.97
N GLU A 166 35.39 -9.40 -12.58
CA GLU A 166 34.45 -8.68 -11.74
C GLU A 166 33.44 -7.87 -12.55
N GLU A 167 33.75 -7.61 -13.82
CA GLU A 167 32.86 -6.84 -14.68
C GLU A 167 31.51 -7.53 -14.85
N VAL A 168 30.47 -6.71 -15.02
CA VAL A 168 29.11 -7.20 -15.20
C VAL A 168 28.60 -6.93 -16.61
N ASN A 169 28.44 -7.99 -17.39
CA ASN A 169 27.92 -7.87 -18.75
C ASN A 169 26.42 -7.53 -18.68
N THR A 170 26.00 -6.61 -19.54
CA THR A 170 24.59 -6.21 -19.53
C THR A 170 23.99 -6.31 -20.92
N ALA A 171 22.72 -6.74 -20.98
CA ALA A 171 22.02 -6.92 -22.24
C ALA A 171 20.56 -6.49 -22.04
N HIS A 172 20.06 -5.68 -22.95
CA HIS A 172 18.69 -5.15 -22.85
C HIS A 172 17.87 -5.53 -24.07
N TYR A 173 16.70 -6.13 -23.86
CA TYR A 173 15.88 -6.67 -24.93
C TYR A 173 14.57 -5.87 -25.06
N ARG A 174 14.16 -5.62 -26.30
CA ARG A 174 12.97 -4.81 -26.56
C ARG A 174 12.13 -5.43 -27.66
N HIS A 175 10.86 -5.74 -27.33
CA HIS A 175 9.95 -6.33 -28.30
C HIS A 175 8.58 -5.64 -28.22
N HIS A 176 7.87 -5.64 -29.33
CA HIS A 176 6.51 -5.10 -29.37
C HIS A 176 5.63 -5.98 -30.22
N LEU A 177 4.51 -6.40 -29.66
CA LEU A 177 3.54 -7.23 -30.32
C LEU A 177 2.23 -6.47 -30.54
N ASP A 178 1.74 -6.52 -31.77
CA ASP A 178 0.45 -5.92 -32.09
C ASP A 178 -0.53 -7.01 -32.53
N LEU A 179 -1.61 -7.14 -31.78
CA LEU A 179 -2.66 -8.08 -32.15
C LEU A 179 -3.81 -7.28 -32.77
N ALA A 180 -3.99 -7.44 -34.08
CA ALA A 180 -5.05 -6.70 -34.76
C ALA A 180 -6.42 -7.21 -34.34
N GLU A 181 -7.47 -6.52 -34.78
CA GLU A 181 -8.84 -6.90 -34.43
C GLU A 181 -9.14 -8.34 -34.72
N GLY A 182 -9.64 -9.07 -33.73
CA GLY A 182 -10.02 -10.46 -33.84
C GLY A 182 -8.88 -11.46 -33.82
N ALA A 183 -7.65 -11.01 -33.71
CA ALA A 183 -6.46 -11.85 -33.69
C ALA A 183 -6.30 -12.52 -32.33
N GLU A 184 -5.76 -13.73 -32.34
CA GLU A 184 -5.54 -14.52 -31.14
C GLU A 184 -4.13 -15.10 -31.17
N ALA A 185 -3.38 -14.94 -30.08
CA ALA A 185 -2.02 -15.45 -30.06
C ALA A 185 -1.48 -15.68 -28.66
N THR A 186 -0.58 -16.63 -28.58
CA THR A 186 0.12 -16.98 -27.35
C THR A 186 1.60 -16.65 -27.57
N VAL A 187 2.15 -15.85 -26.68
CA VAL A 187 3.58 -15.51 -26.77
C VAL A 187 4.27 -15.86 -25.46
N ILE A 188 5.45 -16.47 -25.56
CA ILE A 188 6.22 -16.87 -24.38
C ILE A 188 7.57 -16.18 -24.35
N GLU A 189 7.90 -15.58 -23.21
CA GLU A 189 9.23 -15.01 -23.02
C GLU A 189 10.03 -16.02 -22.16
N HIS A 190 11.19 -16.39 -22.61
CA HIS A 190 12.04 -17.33 -21.89
C HIS A 190 13.43 -16.73 -21.68
N PHE A 191 13.86 -16.59 -20.43
CA PHE A 191 15.17 -16.01 -20.14
C PHE A 191 16.08 -17.01 -19.42
N VAL A 192 17.26 -17.26 -19.99
CA VAL A 192 18.22 -18.19 -19.42
C VAL A 192 19.63 -17.57 -19.43
N SER A 193 20.51 -18.14 -18.62
CA SER A 193 21.90 -17.73 -18.54
C SER A 193 22.75 -18.79 -19.25
N LEU A 194 23.79 -18.36 -19.96
CA LEU A 194 24.64 -19.33 -20.67
C LEU A 194 25.44 -20.16 -19.67
N ASN A 195 25.91 -19.51 -18.61
CA ASN A 195 26.66 -20.23 -17.58
C ASN A 195 26.45 -19.62 -16.21
N ASP A 196 27.35 -19.88 -15.27
CA ASP A 196 27.24 -19.37 -13.91
C ASP A 196 27.66 -17.92 -13.74
N ALA A 197 28.28 -17.32 -14.74
CA ALA A 197 28.74 -15.94 -14.65
C ALA A 197 27.56 -14.98 -14.52
N ARG A 198 27.72 -13.99 -13.66
CA ARG A 198 26.67 -13.01 -13.41
C ARG A 198 26.51 -12.02 -14.55
N HIS A 199 25.27 -11.61 -14.80
CA HIS A 199 24.98 -10.63 -15.84
C HIS A 199 23.81 -9.75 -15.39
N PHE A 200 23.58 -8.67 -16.11
CA PHE A 200 22.49 -7.77 -15.81
C PHE A 200 21.55 -7.73 -17.02
N THR A 201 20.39 -8.33 -16.87
CA THR A 201 19.40 -8.41 -17.94
C THR A 201 18.32 -7.34 -17.75
N GLY A 202 18.01 -6.65 -18.84
CA GLY A 202 16.93 -5.66 -18.89
C GLY A 202 15.98 -6.09 -20.00
N ALA A 203 14.65 -6.03 -19.75
CA ALA A 203 13.73 -6.46 -20.79
C ALA A 203 12.49 -5.57 -20.79
N ARG A 204 11.90 -5.44 -21.97
CA ARG A 204 10.68 -4.64 -22.11
C ARG A 204 9.85 -5.18 -23.27
N PHE A 205 8.74 -5.81 -22.94
CA PHE A 205 7.84 -6.37 -23.95
C PHE A 205 6.52 -5.58 -23.88
N THR A 206 6.23 -4.84 -24.94
CA THR A 206 4.99 -4.04 -24.97
C THR A 206 4.03 -4.67 -25.95
N ILE A 207 2.74 -4.74 -25.57
CA ILE A 207 1.76 -5.43 -26.39
C ILE A 207 0.47 -4.61 -26.53
N ASN A 208 0.03 -4.46 -27.77
CA ASN A 208 -1.21 -3.74 -28.03
C ASN A 208 -2.26 -4.76 -28.45
N VAL A 209 -3.37 -4.84 -27.71
CA VAL A 209 -4.43 -5.80 -27.98
C VAL A 209 -5.65 -5.05 -28.52
N ALA A 210 -5.90 -5.21 -29.81
CA ALA A 210 -6.98 -4.49 -30.46
C ALA A 210 -8.35 -5.03 -30.11
N ALA A 211 -9.40 -4.37 -30.65
CA ALA A 211 -10.76 -4.80 -30.37
C ALA A 211 -10.97 -6.25 -30.74
N ASN A 212 -11.61 -7.03 -29.86
CA ASN A 212 -11.91 -8.42 -30.06
C ASN A 212 -10.70 -9.33 -30.20
N ALA A 213 -9.53 -8.90 -29.77
CA ALA A 213 -8.31 -9.69 -29.87
C ALA A 213 -8.06 -10.40 -28.54
N HIS A 214 -7.38 -11.55 -28.58
CA HIS A 214 -7.15 -12.36 -27.39
C HIS A 214 -5.67 -12.71 -27.22
N LEU A 215 -5.10 -12.27 -26.11
CA LEU A 215 -3.69 -12.50 -25.83
C LEU A 215 -3.48 -13.47 -24.67
N GLN A 216 -2.49 -14.34 -24.87
CA GLN A 216 -1.99 -15.24 -23.85
C GLN A 216 -0.48 -14.96 -23.74
N HIS A 217 -0.05 -14.41 -22.63
CA HIS A 217 1.37 -14.09 -22.43
C HIS A 217 1.91 -14.89 -21.25
N ILE A 218 3.07 -15.52 -21.46
CA ILE A 218 3.75 -16.30 -20.45
C ILE A 218 5.20 -15.83 -20.35
N LYS A 219 5.66 -15.52 -19.14
CA LYS A 219 7.05 -15.13 -18.94
C LYS A 219 7.74 -16.12 -18.00
N LEU A 220 8.86 -16.66 -18.47
CA LEU A 220 9.65 -17.61 -17.69
C LEU A 220 11.05 -17.04 -17.45
N ALA A 221 11.23 -16.41 -16.30
CA ALA A 221 12.52 -15.76 -15.99
C ALA A 221 13.38 -16.75 -15.21
N PHE A 222 14.17 -17.53 -15.94
CA PHE A 222 14.91 -18.65 -15.37
C PHE A 222 16.42 -18.47 -15.44
N GLU A 223 16.91 -17.27 -15.16
CA GLU A 223 18.36 -17.01 -15.19
C GLU A 223 19.07 -17.51 -13.95
N ASN A 224 20.41 -17.47 -13.96
CA ASN A 224 21.19 -18.03 -12.86
C ASN A 224 21.02 -17.31 -11.55
N PRO A 225 21.53 -17.91 -10.45
CA PRO A 225 21.42 -17.39 -9.12
C PRO A 225 22.09 -16.06 -8.85
N LEU A 226 23.04 -15.60 -9.67
CA LEU A 226 23.78 -14.41 -9.35
C LEU A 226 23.39 -13.16 -10.15
N SER A 227 22.51 -13.30 -11.13
CA SER A 227 22.22 -12.20 -12.04
C SER A 227 21.14 -11.24 -11.58
N HIS A 228 21.04 -10.10 -12.26
CA HIS A 228 20.01 -9.09 -11.97
C HIS A 228 19.07 -9.01 -13.17
N HIS A 229 17.77 -9.03 -12.94
CA HIS A 229 16.78 -9.00 -14.03
C HIS A 229 15.77 -7.89 -13.74
N PHE A 230 15.80 -6.83 -14.54
CA PHE A 230 14.91 -5.68 -14.33
C PHE A 230 14.08 -5.49 -15.60
N ALA A 231 12.78 -5.77 -15.50
CA ALA A 231 11.94 -5.71 -16.69
C ALA A 231 10.66 -4.92 -16.48
N HIS A 232 10.09 -4.45 -17.58
CA HIS A 232 8.83 -3.69 -17.49
C HIS A 232 8.03 -3.91 -18.77
N ASN A 233 6.91 -4.60 -18.66
CA ASN A 233 6.05 -4.92 -19.79
C ASN A 233 4.81 -4.04 -19.74
N ASP A 234 4.30 -3.69 -20.91
CA ASP A 234 3.07 -2.90 -20.99
C ASP A 234 2.04 -3.73 -21.78
N LEU A 235 0.80 -3.65 -21.34
CA LEU A 235 -0.33 -4.28 -22.00
C LEU A 235 -1.39 -3.18 -22.22
N LEU A 236 -1.80 -3.00 -23.47
CA LEU A 236 -2.77 -1.97 -23.80
C LEU A 236 -3.97 -2.65 -24.46
N LEU A 237 -5.14 -2.60 -23.84
CA LEU A 237 -6.30 -3.28 -24.37
C LEU A 237 -7.38 -2.32 -24.85
N ALA A 238 -7.96 -2.66 -25.98
CA ALA A 238 -9.09 -1.89 -26.53
C ALA A 238 -10.38 -2.52 -26.04
N GLU A 239 -11.50 -2.34 -26.74
CA GLU A 239 -12.76 -2.93 -26.31
C GLU A 239 -12.96 -4.37 -26.68
N ASP A 240 -13.73 -5.12 -25.89
CA ASP A 240 -14.06 -6.51 -26.13
C ASP A 240 -12.81 -7.38 -26.32
N ALA A 241 -11.74 -7.03 -25.62
CA ALA A 241 -10.47 -7.70 -25.73
C ALA A 241 -10.22 -8.56 -24.49
N THR A 242 -9.35 -9.55 -24.65
CA THR A 242 -9.02 -10.45 -23.56
C THR A 242 -7.51 -10.59 -23.47
N ALA A 243 -6.98 -10.55 -22.25
CA ALA A 243 -5.54 -10.73 -22.08
C ALA A 243 -5.24 -11.44 -20.78
N PHE A 244 -4.44 -12.51 -20.86
CA PHE A 244 -4.00 -13.28 -19.72
C PHE A 244 -2.46 -13.29 -19.68
N SER A 245 -1.85 -12.84 -18.61
CA SER A 245 -0.40 -12.82 -18.49
C SER A 245 0.05 -13.63 -17.27
N HIS A 246 0.90 -14.63 -17.47
CA HIS A 246 1.36 -15.49 -16.40
C HIS A 246 2.88 -15.43 -16.26
N SER A 247 3.38 -14.99 -15.10
CA SER A 247 4.82 -14.88 -14.95
C SER A 247 5.37 -15.82 -13.89
N PHE A 248 6.44 -16.51 -14.27
CA PHE A 248 7.11 -17.44 -13.33
C PHE A 248 8.53 -16.92 -13.15
N LEU A 249 8.70 -16.16 -12.09
CA LEU A 249 9.94 -15.43 -11.80
C LEU A 249 10.81 -16.30 -10.91
N LEU A 250 11.65 -17.13 -11.56
CA LEU A 250 12.42 -18.13 -10.83
C LEU A 250 13.89 -18.15 -11.23
N GLY A 251 14.52 -16.99 -11.22
CA GLY A 251 15.93 -16.89 -11.59
C GLY A 251 16.47 -15.50 -11.29
N GLY A 252 17.77 -15.41 -11.03
CA GLY A 252 18.39 -14.15 -10.68
C GLY A 252 18.58 -14.00 -9.18
N ALA A 253 19.59 -13.23 -8.78
CA ALA A 253 19.80 -12.93 -7.37
C ALA A 253 18.79 -11.83 -6.95
N VAL A 254 18.58 -10.89 -7.87
CA VAL A 254 17.69 -9.76 -7.65
C VAL A 254 16.85 -9.60 -8.95
N LEU A 255 15.55 -9.78 -8.83
CA LEU A 255 14.67 -9.66 -9.99
C LEU A 255 13.56 -8.66 -9.65
N ARG A 256 13.26 -7.76 -10.58
CA ARG A 256 12.18 -6.80 -10.38
C ARG A 256 11.41 -6.69 -11.70
N HIS A 257 10.20 -7.24 -11.72
CA HIS A 257 9.38 -7.27 -12.92
C HIS A 257 8.13 -6.40 -12.71
N ASN A 258 7.85 -5.56 -13.69
CA ASN A 258 6.67 -4.71 -13.69
C ASN A 258 5.81 -5.10 -14.91
N THR A 259 4.51 -5.15 -14.69
CA THR A 259 3.54 -5.25 -15.78
C THR A 259 2.57 -4.07 -15.58
N SER A 260 2.56 -3.17 -16.53
CA SER A 260 1.66 -2.01 -16.46
C SER A 260 0.61 -2.23 -17.55
N THR A 261 -0.64 -1.95 -17.21
CA THR A 261 -1.74 -2.20 -18.13
C THR A 261 -2.77 -1.08 -18.13
N GLN A 262 -3.32 -0.84 -19.32
CA GLN A 262 -4.41 0.11 -19.50
C GLN A 262 -5.59 -0.62 -20.16
N LEU A 263 -6.74 -0.51 -19.52
CA LEU A 263 -7.99 -1.00 -20.10
C LEU A 263 -8.69 0.24 -20.65
N ASN A 264 -8.49 0.45 -21.95
CA ASN A 264 -8.96 1.64 -22.63
C ASN A 264 -10.21 1.40 -23.48
N GLY A 265 -10.88 0.29 -23.27
CA GLY A 265 -12.10 -0.06 -23.97
C GLY A 265 -13.05 -0.84 -23.07
N GLU A 266 -14.35 -0.69 -23.33
CA GLU A 266 -15.34 -1.40 -22.53
C GLU A 266 -15.39 -2.88 -22.82
N ASN A 267 -15.90 -3.66 -21.87
CA ASN A 267 -16.17 -5.08 -22.01
C ASN A 267 -14.96 -5.95 -22.26
N SER A 268 -13.85 -5.65 -21.57
CA SER A 268 -12.63 -6.44 -21.73
C SER A 268 -12.33 -7.22 -20.46
N THR A 269 -11.54 -8.27 -20.61
CA THR A 269 -11.21 -9.19 -19.52
C THR A 269 -9.69 -9.32 -19.41
N LEU A 270 -9.19 -9.18 -18.18
CA LEU A 270 -7.76 -9.22 -17.93
C LEU A 270 -7.42 -10.07 -16.71
N ARG A 271 -6.40 -10.89 -16.86
CA ARG A 271 -5.89 -11.65 -15.74
C ARG A 271 -4.36 -11.49 -15.73
N ILE A 272 -3.78 -11.12 -14.61
CA ILE A 272 -2.32 -11.02 -14.51
C ILE A 272 -1.89 -11.80 -13.26
N ASN A 273 -1.10 -12.85 -13.44
CA ASN A 273 -0.65 -13.68 -12.33
C ASN A 273 0.87 -13.72 -12.28
N SER A 274 1.43 -13.98 -11.11
CA SER A 274 2.86 -14.17 -11.00
C SER A 274 3.19 -15.12 -9.84
N LEU A 275 4.28 -15.84 -10.00
CA LEU A 275 4.80 -16.72 -8.96
C LEU A 275 6.24 -16.28 -8.66
N ALA A 276 6.57 -16.14 -7.40
CA ALA A 276 7.93 -15.76 -6.99
C ALA A 276 8.37 -16.73 -5.90
N MET A 277 9.63 -17.19 -5.98
CA MET A 277 10.11 -18.15 -4.97
C MET A 277 11.53 -17.88 -4.55
N PRO A 278 11.82 -16.72 -3.98
CA PRO A 278 13.17 -16.38 -3.57
C PRO A 278 13.70 -17.31 -2.51
N VAL A 279 14.96 -17.72 -2.70
CA VAL A 279 15.64 -18.59 -1.74
C VAL A 279 16.89 -17.85 -1.25
N LYS A 280 17.85 -18.62 -0.74
CA LYS A 280 19.13 -18.09 -0.30
C LYS A 280 19.04 -16.65 0.20
N ASN A 281 19.67 -15.74 -0.49
CA ASN A 281 19.71 -14.32 -0.17
C ASN A 281 19.13 -13.55 -1.37
N GLU A 282 18.10 -14.12 -1.98
CA GLU A 282 17.50 -13.55 -3.17
C GLU A 282 16.36 -12.59 -2.85
N VAL A 283 16.15 -11.67 -3.78
CA VAL A 283 15.05 -10.70 -3.65
C VAL A 283 14.26 -10.81 -4.97
N CYS A 284 12.98 -11.12 -4.87
CA CYS A 284 12.14 -11.27 -6.06
C CYS A 284 10.97 -10.28 -5.87
N ASP A 285 10.95 -9.29 -6.73
CA ASP A 285 10.02 -8.16 -6.66
C ASP A 285 9.07 -8.18 -7.86
N THR A 286 7.79 -8.42 -7.58
CA THR A 286 6.77 -8.54 -8.62
C THR A 286 5.75 -7.44 -8.47
N ARG A 287 5.64 -6.60 -9.51
CA ARG A 287 4.79 -5.41 -9.42
C ARG A 287 3.83 -5.25 -10.58
N THR A 288 2.63 -4.69 -10.26
CA THR A 288 1.68 -4.43 -11.34
C THR A 288 1.08 -3.03 -11.19
N TRP A 289 0.72 -2.47 -12.32
CA TRP A 289 0.10 -1.13 -12.38
C TRP A 289 -1.08 -1.28 -13.35
N LEU A 290 -2.29 -1.01 -12.89
CA LEU A 290 -3.46 -1.25 -13.74
C LEU A 290 -4.41 -0.06 -13.71
N GLU A 291 -4.79 0.38 -14.91
CA GLU A 291 -5.73 1.47 -15.06
C GLU A 291 -7.01 1.00 -15.74
N HIS A 292 -8.10 1.05 -14.98
CA HIS A 292 -9.43 0.79 -15.58
C HIS A 292 -9.88 2.16 -16.10
N ASN A 293 -9.56 2.44 -17.37
CA ASN A 293 -9.87 3.75 -17.92
C ASN A 293 -11.28 3.81 -18.50
N LYS A 294 -11.80 2.68 -18.92
CA LYS A 294 -13.16 2.58 -19.42
C LYS A 294 -13.91 1.62 -18.51
N GLY A 295 -15.23 1.72 -18.47
CA GLY A 295 -16.00 0.84 -17.61
C GLY A 295 -16.16 -0.55 -18.19
N PHE A 296 -17.01 -1.34 -17.53
CA PHE A 296 -17.43 -2.65 -17.94
C PHE A 296 -16.30 -3.64 -18.17
N CYS A 297 -15.19 -3.53 -17.44
CA CYS A 297 -14.10 -4.46 -17.59
C CYS A 297 -13.91 -5.26 -16.29
N ASN A 298 -13.48 -6.47 -16.43
CA ASN A 298 -13.21 -7.40 -15.36
C ASN A 298 -11.71 -7.69 -15.26
N SER A 299 -11.13 -7.46 -14.10
CA SER A 299 -9.70 -7.74 -13.92
C SER A 299 -9.51 -8.61 -12.67
N ARG A 300 -8.60 -9.57 -12.80
CA ARG A 300 -8.30 -10.50 -11.71
C ARG A 300 -6.78 -10.70 -11.67
N GLN A 301 -6.20 -10.65 -10.49
CA GLN A 301 -4.75 -10.83 -10.36
C GLN A 301 -4.49 -11.77 -9.18
N LEU A 302 -3.59 -12.72 -9.39
CA LEU A 302 -3.23 -13.66 -8.34
C LEU A 302 -1.71 -13.74 -8.29
N HIS A 303 -1.14 -13.25 -7.20
CA HIS A 303 0.32 -13.21 -7.06
C HIS A 303 0.68 -14.01 -5.81
N LYS A 304 1.32 -15.16 -6.03
CA LYS A 304 1.67 -16.02 -4.90
C LYS A 304 3.18 -16.11 -4.75
N THR A 305 3.66 -16.09 -3.50
CA THR A 305 5.10 -16.15 -3.26
C THR A 305 5.38 -17.26 -2.24
N ILE A 306 6.54 -17.90 -2.42
CA ILE A 306 7.01 -18.95 -1.51
C ILE A 306 8.45 -18.53 -1.16
N VAL A 307 8.67 -18.06 0.05
CA VAL A 307 9.93 -17.45 0.46
C VAL A 307 10.70 -18.35 1.42
N SER A 308 11.90 -18.75 0.98
CA SER A 308 12.72 -19.60 1.86
C SER A 308 13.57 -18.76 2.79
N ASP A 309 14.33 -19.44 3.66
CA ASP A 309 15.13 -18.73 4.64
C ASP A 309 16.08 -17.72 4.03
N LYS A 310 16.06 -16.50 4.53
CA LYS A 310 16.86 -15.38 4.10
C LYS A 310 16.43 -14.79 2.76
N GLY A 311 15.37 -15.31 2.16
CA GLY A 311 14.88 -14.80 0.88
C GLY A 311 13.94 -13.61 1.18
N ARG A 312 13.66 -12.83 0.15
CA ARG A 312 12.72 -11.72 0.35
C ARG A 312 11.83 -11.54 -0.88
N ALA A 313 10.50 -11.62 -0.69
CA ALA A 313 9.59 -11.36 -1.80
C ALA A 313 8.95 -9.98 -1.56
N VAL A 314 8.78 -9.25 -2.65
CA VAL A 314 8.16 -7.94 -2.61
C VAL A 314 7.01 -7.93 -3.62
N PHE A 315 5.83 -7.48 -3.17
CA PHE A 315 4.71 -7.32 -4.06
C PHE A 315 4.22 -5.87 -4.03
N ASN A 316 3.91 -5.32 -5.21
CA ASN A 316 3.40 -3.95 -5.28
C ASN A 316 2.32 -3.95 -6.37
N GLY A 317 1.11 -3.56 -6.00
CA GLY A 317 0.04 -3.61 -7.03
C GLY A 317 -0.81 -2.35 -6.91
N LEU A 318 -0.80 -1.55 -7.96
CA LEU A 318 -1.63 -0.34 -7.97
C LEU A 318 -2.81 -0.53 -8.92
N ILE A 319 -4.02 -0.25 -8.45
CA ILE A 319 -5.19 -0.28 -9.34
C ILE A 319 -5.87 1.08 -9.28
N ASN A 320 -6.03 1.72 -10.44
CA ASN A 320 -6.66 3.04 -10.51
C ASN A 320 -7.92 2.87 -11.38
N VAL A 321 -9.06 3.24 -10.83
CA VAL A 321 -10.33 3.13 -11.57
C VAL A 321 -10.81 4.54 -11.85
N ALA A 322 -10.80 4.91 -13.13
CA ALA A 322 -11.12 6.27 -13.54
C ALA A 322 -12.58 6.65 -13.29
N GLN A 323 -12.79 7.95 -13.15
CA GLN A 323 -14.15 8.45 -12.94
C GLN A 323 -15.04 7.98 -14.09
N HIS A 324 -16.27 7.60 -13.81
CA HIS A 324 -17.22 7.11 -14.78
C HIS A 324 -16.91 5.75 -15.37
N ALA A 325 -15.91 5.03 -14.83
CA ALA A 325 -15.63 3.68 -15.29
C ALA A 325 -16.52 2.71 -14.53
N ILE A 326 -17.85 2.87 -14.74
CA ILE A 326 -18.85 2.08 -14.08
C ILE A 326 -18.81 0.63 -14.51
N LYS A 327 -19.23 -0.26 -13.63
CA LYS A 327 -19.27 -1.68 -13.84
C LYS A 327 -17.85 -2.26 -13.92
N THR A 328 -16.92 -1.56 -13.28
CA THR A 328 -15.56 -2.13 -13.15
C THR A 328 -15.69 -3.24 -12.10
N ASP A 329 -15.09 -4.38 -12.35
CA ASP A 329 -15.08 -5.50 -11.42
C ASP A 329 -13.60 -5.93 -11.34
N GLY A 330 -12.93 -5.49 -10.29
CA GLY A 330 -11.49 -5.75 -10.22
C GLY A 330 -11.09 -6.34 -8.87
N GLN A 331 -10.28 -7.41 -8.95
CA GLN A 331 -9.84 -8.09 -7.75
C GLN A 331 -8.32 -8.33 -7.83
N MET A 332 -7.68 -8.28 -6.68
CA MET A 332 -6.23 -8.53 -6.61
C MET A 332 -5.97 -9.35 -5.34
N THR A 333 -5.26 -10.46 -5.48
CA THR A 333 -4.98 -11.34 -4.33
C THR A 333 -3.49 -11.68 -4.30
N ASN A 334 -2.87 -11.51 -3.14
CA ASN A 334 -1.45 -11.82 -2.97
C ASN A 334 -1.31 -12.75 -1.76
N ASN A 335 -0.97 -14.01 -1.99
CA ASN A 335 -0.79 -14.98 -0.91
C ASN A 335 0.70 -15.30 -0.76
N ASN A 336 1.21 -15.21 0.46
CA ASN A 336 2.64 -15.41 0.70
C ASN A 336 2.91 -16.51 1.72
N LEU A 337 3.72 -17.47 1.28
CA LEU A 337 4.07 -18.59 2.16
C LEU A 337 5.54 -18.48 2.57
N LEU A 338 5.77 -18.32 3.87
CA LEU A 338 7.13 -18.19 4.40
C LEU A 338 7.61 -19.54 4.93
N MET A 339 8.79 -19.96 4.49
CA MET A 339 9.33 -21.26 4.81
C MET A 339 10.45 -21.30 5.84
N GLY A 340 10.84 -20.19 6.42
CA GLY A 340 11.88 -20.24 7.46
C GLY A 340 11.82 -19.01 8.35
N LYS A 341 12.55 -19.07 9.47
CA LYS A 341 12.56 -17.99 10.44
C LYS A 341 13.23 -16.71 9.96
N LEU A 342 13.98 -16.72 8.87
CA LEU A 342 14.62 -15.50 8.39
C LEU A 342 14.04 -15.05 7.04
N ALA A 343 12.93 -15.64 6.64
CA ALA A 343 12.25 -15.24 5.38
C ALA A 343 11.55 -13.90 5.56
N GLU A 344 11.42 -13.13 4.49
CA GLU A 344 10.78 -11.81 4.58
C GLU A 344 9.83 -11.59 3.41
N VAL A 345 8.75 -10.85 3.68
CA VAL A 345 7.82 -10.48 2.60
C VAL A 345 7.28 -9.08 2.87
N ASP A 346 7.26 -8.25 1.83
CA ASP A 346 6.71 -6.91 1.91
C ASP A 346 5.65 -6.77 0.83
N THR A 347 4.43 -6.40 1.21
CA THR A 347 3.36 -6.35 0.20
C THR A 347 2.55 -5.07 0.34
N LYS A 348 2.37 -4.39 -0.79
CA LYS A 348 1.73 -3.08 -0.83
C LYS A 348 0.79 -2.89 -2.02
N PRO A 349 -0.49 -3.07 -1.77
CA PRO A 349 -1.53 -2.71 -2.74
C PRO A 349 -1.78 -1.21 -2.67
N GLN A 350 -2.34 -0.63 -3.72
CA GLN A 350 -2.64 0.81 -3.71
C GLN A 350 -3.89 1.00 -4.59
N LEU A 351 -5.06 1.08 -3.94
CA LEU A 351 -6.29 1.24 -4.69
C LEU A 351 -6.70 2.73 -4.73
N GLU A 352 -6.91 3.21 -5.94
CA GLU A 352 -7.31 4.60 -6.20
C GLU A 352 -8.62 4.54 -7.00
N ILE A 353 -9.75 4.61 -6.30
CA ILE A 353 -11.04 4.33 -6.94
C ILE A 353 -11.91 5.56 -7.04
N TYR A 354 -12.20 5.98 -8.27
CA TYR A 354 -12.93 7.22 -8.51
C TYR A 354 -14.29 7.03 -9.16
N ALA A 355 -14.83 5.82 -9.07
CA ALA A 355 -16.17 5.50 -9.60
C ALA A 355 -16.90 4.69 -8.52
N ASP A 356 -18.17 5.00 -8.26
CA ASP A 356 -18.92 4.31 -7.22
C ASP A 356 -19.52 3.00 -7.66
N ASP A 357 -20.02 2.93 -8.90
CA ASP A 357 -20.72 1.73 -9.36
C ASP A 357 -19.75 0.67 -9.80
N VAL A 358 -18.97 0.16 -8.85
CA VAL A 358 -17.91 -0.78 -9.13
C VAL A 358 -17.86 -1.85 -8.03
N LYS A 359 -17.08 -2.89 -8.30
CA LYS A 359 -16.82 -3.93 -7.30
C LYS A 359 -15.30 -4.13 -7.29
N CYS A 360 -14.61 -3.51 -6.34
CA CYS A 360 -13.14 -3.62 -6.32
C CYS A 360 -12.67 -4.12 -4.95
N SER A 361 -11.73 -5.08 -4.98
CA SER A 361 -11.23 -5.58 -3.70
C SER A 361 -9.79 -6.07 -3.82
N HIS A 362 -9.11 -6.06 -2.68
CA HIS A 362 -7.76 -6.60 -2.62
C HIS A 362 -7.61 -7.37 -1.31
N GLY A 363 -6.84 -8.46 -1.36
CA GLY A 363 -6.57 -9.21 -0.11
C GLY A 363 -5.13 -9.72 -0.17
N ALA A 364 -4.49 -9.75 1.00
CA ALA A 364 -3.14 -10.33 1.07
C ALA A 364 -3.06 -11.19 2.33
N THR A 365 -2.33 -12.29 2.24
CA THR A 365 -2.17 -13.19 3.37
C THR A 365 -0.68 -13.57 3.50
N VAL A 366 -0.24 -13.76 4.73
CA VAL A 366 1.13 -14.18 5.02
C VAL A 366 1.04 -15.26 6.11
N GLY A 367 1.71 -16.39 5.87
CA GLY A 367 1.69 -17.45 6.88
C GLY A 367 2.68 -18.55 6.49
N ARG A 368 2.67 -19.63 7.25
CA ARG A 368 3.57 -20.75 6.97
C ARG A 368 2.77 -22.05 6.95
N ILE A 369 3.45 -23.14 6.65
CA ILE A 369 2.77 -24.44 6.69
C ILE A 369 2.58 -24.80 8.18
N ASP A 370 1.37 -25.12 8.57
CA ASP A 370 1.13 -25.48 9.98
C ASP A 370 1.81 -26.80 10.30
N ASP A 371 2.52 -26.88 11.42
CA ASP A 371 3.17 -28.11 11.83
C ASP A 371 2.16 -29.26 11.92
N GLU A 372 0.94 -28.98 12.36
CA GLU A 372 -0.11 -29.99 12.48
C GLU A 372 -0.39 -30.69 11.17
N GLN A 373 -0.32 -29.97 10.04
CA GLN A 373 -0.50 -30.59 8.74
C GLN A 373 0.66 -31.53 8.42
N ILE A 374 1.88 -31.12 8.74
CA ILE A 374 3.05 -31.98 8.53
C ILE A 374 2.97 -33.23 9.40
N PHE A 375 2.58 -33.02 10.67
CA PHE A 375 2.46 -34.12 11.62
C PHE A 375 1.39 -35.11 11.20
N TYR A 376 0.26 -34.60 10.72
CA TYR A 376 -0.82 -35.45 10.24
C TYR A 376 -0.32 -36.35 9.11
N LEU A 377 0.38 -35.75 8.14
CA LEU A 377 0.90 -36.51 7.01
C LEU A 377 1.92 -37.55 7.47
N ARG A 378 2.80 -37.17 8.37
CA ARG A 378 3.79 -38.06 8.96
C ARG A 378 3.13 -39.25 9.64
N SER A 379 2.03 -39.02 10.34
CA SER A 379 1.31 -40.11 11.00
C SER A 379 0.62 -41.03 9.98
N ARG A 380 0.41 -40.56 8.77
CA ARG A 380 -0.26 -41.30 7.72
C ARG A 380 0.73 -41.94 6.74
N GLY A 381 2.02 -41.87 7.03
CA GLY A 381 3.03 -42.51 6.24
C GLY A 381 3.71 -41.66 5.19
N ILE A 382 3.57 -40.34 5.30
CA ILE A 382 4.21 -39.43 4.34
C ILE A 382 5.27 -38.60 5.08
N ASN A 383 6.52 -38.73 4.68
CA ASN A 383 7.60 -38.03 5.38
C ASN A 383 7.59 -36.53 5.15
N GLN A 384 8.40 -35.83 5.93
CA GLN A 384 8.47 -34.38 5.92
C GLN A 384 8.71 -33.78 4.54
N GLN A 385 9.77 -34.23 3.86
CA GLN A 385 10.10 -33.70 2.54
C GLN A 385 8.97 -33.87 1.54
N ASP A 386 8.43 -35.09 1.45
CA ASP A 386 7.31 -35.32 0.54
C ASP A 386 6.10 -34.50 0.96
N ALA A 387 5.87 -34.38 2.27
CA ALA A 387 4.74 -33.58 2.75
C ALA A 387 4.91 -32.11 2.34
N GLN A 388 6.11 -31.57 2.55
CA GLN A 388 6.35 -30.17 2.18
C GLN A 388 6.19 -29.95 0.69
N GLN A 389 6.78 -30.84 -0.11
CA GLN A 389 6.67 -30.69 -1.57
C GLN A 389 5.23 -30.73 -2.04
N MET A 390 4.43 -31.66 -1.52
CA MET A 390 3.03 -31.76 -1.88
C MET A 390 2.30 -30.44 -1.57
N ILE A 391 2.52 -29.93 -0.37
CA ILE A 391 1.85 -28.71 0.08
C ILE A 391 2.28 -27.50 -0.73
N ILE A 392 3.57 -27.40 -1.04
CA ILE A 392 4.06 -26.26 -1.84
C ILE A 392 3.56 -26.30 -3.26
N TYR A 393 3.59 -27.50 -3.89
CA TYR A 393 3.05 -27.64 -5.23
C TYR A 393 1.56 -27.31 -5.26
N ALA A 394 0.83 -27.66 -4.22
CA ALA A 394 -0.60 -27.39 -4.12
C ALA A 394 -0.85 -25.89 -4.01
N PHE A 395 0.03 -25.21 -3.31
CA PHE A 395 -0.04 -23.76 -3.14
C PHE A 395 0.18 -23.04 -4.47
N ALA A 396 1.07 -23.55 -5.30
CA ALA A 396 1.37 -22.98 -6.61
C ALA A 396 0.43 -23.46 -7.70
N ALA A 397 -0.35 -24.50 -7.43
CA ALA A 397 -1.19 -25.15 -8.42
C ALA A 397 -2.14 -24.25 -9.16
N GLU A 398 -2.82 -23.32 -8.48
CA GLU A 398 -3.73 -22.42 -9.20
C GLU A 398 -3.01 -21.64 -10.28
N LEU A 399 -1.72 -21.34 -10.10
CA LEU A 399 -0.92 -20.64 -11.07
C LEU A 399 -0.39 -21.55 -12.16
N THR A 400 0.16 -22.71 -11.78
CA THR A 400 0.75 -23.62 -12.76
C THR A 400 -0.29 -24.30 -13.64
N GLU A 401 -1.52 -24.48 -13.13
CA GLU A 401 -2.58 -25.07 -13.90
C GLU A 401 -3.07 -24.19 -15.03
N ALA A 402 -2.67 -22.92 -15.05
CA ALA A 402 -2.99 -22.00 -16.12
C ALA A 402 -2.27 -22.33 -17.41
N LEU A 403 -1.17 -23.09 -17.34
CA LEU A 403 -0.40 -23.45 -18.53
C LEU A 403 -1.11 -24.56 -19.30
N ARG A 404 -1.61 -24.21 -20.48
CA ARG A 404 -2.35 -25.12 -21.34
C ARG A 404 -1.49 -26.31 -21.78
N ASP A 405 -0.32 -26.02 -22.34
CA ASP A 405 0.57 -27.06 -22.82
C ASP A 405 1.10 -27.87 -21.64
N GLU A 406 0.74 -29.15 -21.58
CA GLU A 406 1.18 -30.00 -20.48
C GLU A 406 2.69 -30.15 -20.47
N GLY A 407 3.31 -30.26 -21.64
CA GLY A 407 4.75 -30.38 -21.75
C GLY A 407 5.45 -29.16 -21.13
N LEU A 408 4.92 -27.98 -21.42
CA LEU A 408 5.46 -26.75 -20.87
C LEU A 408 5.23 -26.67 -19.36
N LYS A 409 4.06 -27.10 -18.91
CA LYS A 409 3.75 -27.08 -17.48
C LYS A 409 4.75 -27.92 -16.69
N GLN A 410 5.10 -29.11 -17.20
CA GLN A 410 6.05 -29.98 -16.51
C GLN A 410 7.42 -29.33 -16.38
N GLN A 411 7.86 -28.63 -17.42
CA GLN A 411 9.16 -27.94 -17.35
C GLN A 411 9.14 -26.82 -16.32
N VAL A 412 8.00 -26.12 -16.22
CA VAL A 412 7.88 -25.08 -15.20
C VAL A 412 7.85 -25.71 -13.81
N LEU A 413 7.16 -26.84 -13.66
CA LEU A 413 7.11 -27.54 -12.39
C LEU A 413 8.50 -28.05 -12.00
N ALA A 414 9.30 -28.43 -13.00
CA ALA A 414 10.67 -28.86 -12.73
C ALA A 414 11.50 -27.71 -12.20
N ARG A 415 11.32 -26.52 -12.75
CA ARG A 415 12.05 -25.33 -12.33
C ARG A 415 11.64 -24.97 -10.89
N ILE A 416 10.34 -25.05 -10.63
CA ILE A 416 9.82 -24.87 -9.26
C ILE A 416 10.46 -25.86 -8.30
N GLY A 417 10.51 -27.14 -8.71
CA GLY A 417 11.08 -28.21 -7.92
C GLY A 417 12.49 -28.00 -7.46
N GLN A 418 13.31 -27.24 -8.20
CA GLN A 418 14.68 -26.95 -7.81
C GLN A 418 14.74 -26.12 -6.54
N ARG A 419 13.67 -25.40 -6.21
CA ARG A 419 13.63 -24.54 -5.04
C ARG A 419 12.94 -25.15 -3.83
N LEU A 420 12.45 -26.37 -3.94
CA LEU A 420 11.78 -27.05 -2.84
C LEU A 420 12.74 -27.80 -1.94
N PRO A 421 12.34 -28.02 -0.68
CA PRO A 421 13.16 -28.77 0.26
C PRO A 421 13.60 -30.09 -0.35
N GLY A 422 14.91 -30.31 -0.46
CA GLY A 422 15.45 -31.53 -1.06
C GLY A 422 15.34 -31.50 -2.58
N GLY A 423 15.33 -30.31 -3.17
CA GLY A 423 15.22 -30.17 -4.61
C GLY A 423 16.57 -30.17 -5.32
N ASN B 8 3.05 30.07 0.32
CA ASN B 8 3.88 28.93 -0.03
C ASN B 8 4.19 28.08 1.19
N SER B 9 4.81 26.93 0.97
CA SER B 9 5.14 25.99 2.02
C SER B 9 6.04 26.59 3.09
N SER B 10 7.13 27.23 2.66
CA SER B 10 8.04 27.88 3.61
C SER B 10 7.33 28.94 4.44
N ASN B 11 6.37 29.64 3.86
CA ASN B 11 5.61 30.67 4.55
C ASN B 11 4.84 30.11 5.75
N ALA B 12 4.14 29.00 5.56
CA ALA B 12 3.43 28.35 6.65
C ALA B 12 4.40 27.93 7.76
N LEU B 13 5.53 27.33 7.39
CA LEU B 13 6.53 26.93 8.36
C LEU B 13 7.10 28.14 9.08
N GLN B 14 7.31 29.22 8.32
CA GLN B 14 7.84 30.45 8.91
C GLN B 14 6.88 30.98 9.96
N GLN B 15 5.59 31.00 9.61
CA GLN B 15 4.57 31.45 10.57
C GLN B 15 4.50 30.58 11.81
N TRP B 16 4.58 29.25 11.63
CA TRP B 16 4.54 28.38 12.81
C TRP B 16 5.79 28.56 13.65
N HIS B 17 6.92 28.77 12.97
CA HIS B 17 8.18 29.07 13.61
C HIS B 17 8.06 30.36 14.44
N HIS B 18 7.41 31.36 13.85
CA HIS B 18 7.17 32.63 14.53
C HIS B 18 6.31 32.42 15.78
N LEU B 19 5.24 31.65 15.64
CA LEU B 19 4.38 31.35 16.79
C LEU B 19 5.15 30.66 17.90
N PHE B 20 6.07 29.76 17.53
CA PHE B 20 6.88 29.07 18.51
C PHE B 20 7.72 30.04 19.33
N GLU B 21 8.29 31.04 18.64
CA GLU B 21 9.16 32.01 19.30
C GLU B 21 8.41 33.22 19.85
N ALA B 22 7.10 33.27 19.73
CA ALA B 22 6.29 34.39 20.16
C ALA B 22 6.61 34.88 21.55
N THR B 25 5.97 33.47 25.39
CA THR B 25 6.00 32.02 25.51
C THR B 25 7.28 31.54 26.21
N LYS B 26 7.22 30.29 26.64
CA LYS B 26 8.37 29.65 27.29
C LYS B 26 8.40 28.18 26.83
N ARG B 27 9.24 27.89 25.84
CA ARG B 27 9.25 26.55 25.27
C ARG B 27 10.20 25.61 25.97
N SER B 28 9.75 24.38 26.21
CA SER B 28 10.55 23.37 26.87
C SER B 28 11.66 22.88 25.97
N PRO B 29 12.68 22.26 26.54
CA PRO B 29 13.77 21.68 25.77
C PRO B 29 13.23 20.64 24.79
N GLN B 30 12.23 19.88 25.22
CA GLN B 30 11.61 18.86 24.37
C GLN B 30 10.89 19.49 23.19
N ALA B 31 10.15 20.57 23.41
CA ALA B 31 9.45 21.23 22.30
C ALA B 31 10.47 21.85 21.34
N GLN B 32 11.61 22.29 21.88
CA GLN B 32 12.67 22.83 21.04
C GLN B 32 13.22 21.75 20.12
N GLN B 33 13.36 20.54 20.65
CA GLN B 33 13.83 19.41 19.84
C GLN B 33 12.87 19.11 18.70
N HIS B 34 11.56 19.13 19.00
CA HIS B 34 10.55 18.90 17.96
C HIS B 34 10.49 20.03 16.96
N LEU B 35 10.77 21.26 17.38
CA LEU B 35 10.82 22.39 16.44
C LEU B 35 11.95 22.15 15.44
N GLN B 36 13.11 21.74 15.94
CA GLN B 36 14.23 21.43 15.05
C GLN B 36 13.86 20.36 14.05
N GLN B 37 13.20 19.30 14.56
CA GLN B 37 12.77 18.22 13.68
C GLN B 37 11.73 18.68 12.68
N LEU B 38 10.85 19.59 13.10
CA LEU B 38 9.84 20.15 12.19
C LEU B 38 10.53 20.83 11.01
N LEU B 39 11.58 21.61 11.31
CA LEU B 39 12.29 22.32 10.26
C LEU B 39 13.17 21.43 9.40
N ARG B 40 13.69 20.35 9.99
CA ARG B 40 14.53 19.42 9.22
C ARG B 40 13.70 18.57 8.28
N THR B 41 12.48 18.20 8.72
CA THR B 41 11.60 17.40 7.89
C THR B 41 10.87 18.26 6.86
N GLY B 42 10.36 19.40 7.28
CA GLY B 42 9.68 20.32 6.38
C GLY B 42 8.30 19.83 5.97
N LEU B 43 7.66 20.58 5.07
CA LEU B 43 6.33 20.22 4.57
C LEU B 43 6.47 19.41 3.29
N PRO B 44 5.59 18.45 3.07
CA PRO B 44 5.69 17.61 1.88
C PRO B 44 4.92 18.17 0.70
N THR B 45 5.17 17.62 -0.47
CA THR B 45 4.42 17.95 -1.67
C THR B 45 3.53 16.73 -1.95
N ARG B 46 2.71 16.79 -2.99
CA ARG B 46 1.89 15.67 -3.40
C ARG B 46 2.70 14.52 -3.97
N LYS B 47 4.02 14.67 -4.15
CA LYS B 47 4.89 13.63 -4.64
C LYS B 47 5.44 12.76 -3.50
N HIS B 48 5.29 13.22 -2.27
CA HIS B 48 5.75 12.43 -1.11
C HIS B 48 4.91 11.16 -0.99
N GLU B 49 5.55 10.04 -0.63
CA GLU B 49 4.90 8.76 -0.50
C GLU B 49 3.60 8.77 0.31
N ASN B 50 3.54 9.55 1.37
CA ASN B 50 2.39 9.53 2.26
C ASN B 50 1.45 10.70 2.09
N TRP B 51 1.55 11.48 1.01
CA TRP B 51 0.74 12.67 0.83
C TRP B 51 0.17 12.83 -0.57
N LYS B 52 0.00 11.74 -1.30
CA LYS B 52 -0.54 11.89 -2.67
C LYS B 52 -1.98 12.35 -2.71
N TYR B 53 -2.78 12.02 -1.70
CA TYR B 53 -4.20 12.27 -1.71
C TYR B 53 -4.74 13.27 -0.71
N THR B 54 -3.91 13.86 0.12
CA THR B 54 -4.36 14.78 1.17
C THR B 54 -3.79 16.17 0.96
N PRO B 55 -4.67 17.09 0.59
CA PRO B 55 -4.28 18.44 0.26
C PRO B 55 -3.92 19.30 1.45
N LEU B 56 -2.85 20.10 1.28
CA LEU B 56 -2.43 21.01 2.33
C LEU B 56 -2.55 22.47 1.90
N GLU B 57 -2.97 22.71 0.67
CA GLU B 57 -3.07 24.06 0.12
C GLU B 57 -3.88 25.01 0.98
N GLY B 58 -5.02 24.55 1.48
CA GLY B 58 -5.90 25.35 2.32
C GLY B 58 -5.23 25.77 3.61
N LEU B 59 -4.24 25.01 4.06
CA LEU B 59 -3.47 25.27 5.24
C LEU B 59 -2.22 26.10 4.93
N ILE B 60 -1.47 25.68 3.93
CA ILE B 60 -0.23 26.33 3.53
C ILE B 60 -0.40 27.77 3.08
N ASN B 61 -1.48 28.08 2.38
CA ASN B 61 -1.73 29.42 1.86
C ASN B 61 -2.43 30.34 2.84
N SER B 62 -2.49 29.97 4.12
CA SER B 62 -3.19 30.78 5.12
C SER B 62 -2.25 31.60 6.00
N GLN B 63 -2.85 32.63 6.60
CA GLN B 63 -2.17 33.46 7.59
C GLN B 63 -2.65 32.97 8.95
N PHE B 64 -1.75 32.61 9.84
CA PHE B 64 -2.13 32.04 11.13
C PHE B 64 -2.05 33.02 12.28
N VAL B 65 -2.82 32.72 13.32
CA VAL B 65 -2.82 33.43 14.58
C VAL B 65 -2.98 32.38 15.70
N SER B 66 -2.64 32.75 16.91
CA SER B 66 -2.75 31.86 18.05
C SER B 66 -3.33 32.65 19.24
N ILE B 67 -4.65 32.73 19.24
CA ILE B 67 -5.35 33.47 20.28
C ILE B 67 -6.18 32.52 21.14
N ALA B 68 -6.07 32.71 22.45
CA ALA B 68 -6.80 31.87 23.40
C ALA B 68 -7.98 32.66 23.97
N GLY B 69 -9.19 32.28 23.58
CA GLY B 69 -10.39 32.97 24.03
C GLY B 69 -10.93 32.36 25.32
N GLU B 70 -12.05 32.90 25.77
CA GLU B 70 -12.71 32.43 26.98
C GLU B 70 -14.20 32.23 26.70
N ILE B 71 -14.73 31.11 27.17
CA ILE B 71 -16.14 30.81 26.96
C ILE B 71 -16.83 30.63 28.31
N SER B 72 -18.15 30.70 28.30
CA SER B 72 -18.91 30.53 29.53
C SER B 72 -19.27 29.06 29.71
N PRO B 73 -19.75 28.71 30.90
CA PRO B 73 -20.28 27.39 31.18
C PRO B 73 -21.42 27.02 30.24
N GLN B 74 -22.26 28.00 29.91
CA GLN B 74 -23.38 27.83 29.01
C GLN B 74 -22.93 27.44 27.61
N GLN B 75 -21.87 28.06 27.13
CA GLN B 75 -21.32 27.77 25.80
C GLN B 75 -20.72 26.36 25.80
N ARG B 76 -20.07 26.02 26.91
CA ARG B 76 -19.55 24.66 27.07
C ARG B 76 -20.67 23.63 27.07
N ASP B 77 -21.75 23.90 27.84
CA ASP B 77 -22.85 22.96 27.94
C ASP B 77 -23.59 22.74 26.63
N ALA B 78 -23.68 23.77 25.81
CA ALA B 78 -24.39 23.66 24.54
C ALA B 78 -23.63 22.77 23.56
N LEU B 79 -22.33 22.65 23.74
CA LEU B 79 -21.51 21.82 22.84
C LEU B 79 -21.14 20.49 23.47
N ALA B 80 -21.41 20.32 24.77
CA ALA B 80 -20.97 19.13 25.47
C ALA B 80 -21.79 17.87 25.24
N LEU B 81 -21.12 16.73 25.43
CA LEU B 81 -21.75 15.43 25.35
C LEU B 81 -22.55 15.21 26.65
N THR B 82 -23.68 14.55 26.55
CA THR B 82 -24.41 14.17 27.78
C THR B 82 -23.79 12.86 28.24
N LEU B 83 -23.02 12.91 29.32
CA LEU B 83 -22.32 11.70 29.76
C LEU B 83 -21.81 11.91 31.18
N ASP B 84 -21.96 10.88 32.00
CA ASP B 84 -21.43 10.96 33.37
C ASP B 84 -19.94 10.65 33.30
N SER B 85 -19.11 11.68 33.44
CA SER B 85 -17.67 11.45 33.35
C SER B 85 -16.89 12.40 34.25
N VAL B 86 -15.58 12.20 34.24
CA VAL B 86 -14.65 13.15 34.88
C VAL B 86 -14.19 14.01 33.70
N ARG B 87 -14.73 15.21 33.60
CA ARG B 87 -14.48 16.03 32.42
C ARG B 87 -13.46 17.14 32.60
N LEU B 88 -12.44 17.11 31.73
CA LEU B 88 -11.42 18.15 31.65
C LEU B 88 -11.71 18.98 30.39
N VAL B 89 -11.76 20.30 30.53
CA VAL B 89 -12.09 21.16 29.40
C VAL B 89 -10.90 22.03 28.97
N PHE B 90 -10.66 22.03 27.67
CA PHE B 90 -9.56 22.74 27.03
C PHE B 90 -10.14 23.67 25.97
N VAL B 91 -9.79 24.95 26.05
CA VAL B 91 -10.31 25.96 25.15
C VAL B 91 -9.16 26.65 24.42
N ASP B 92 -9.18 26.59 23.10
CA ASP B 92 -8.15 27.20 22.27
C ASP B 92 -6.74 26.87 22.73
N GLY B 93 -6.44 25.60 22.96
CA GLY B 93 -5.16 25.12 23.36
C GLY B 93 -4.84 25.20 24.83
N ARG B 94 -5.76 25.66 25.67
CA ARG B 94 -5.48 25.82 27.09
C ARG B 94 -6.47 25.13 28.01
N TYR B 95 -5.92 24.47 29.03
CA TYR B 95 -6.74 23.83 30.06
C TYR B 95 -7.46 24.95 30.81
N VAL B 96 -8.73 24.76 31.11
CA VAL B 96 -9.52 25.77 31.82
C VAL B 96 -10.08 25.16 33.10
N PRO B 97 -9.41 25.41 34.22
CA PRO B 97 -9.80 24.88 35.51
C PRO B 97 -11.24 25.17 35.90
N ALA B 98 -11.70 26.39 35.68
CA ALA B 98 -13.04 26.83 36.01
C ALA B 98 -14.14 26.09 35.29
N LEU B 99 -13.84 25.44 34.16
CA LEU B 99 -14.84 24.68 33.43
C LEU B 99 -14.65 23.17 33.60
N SER B 100 -13.63 22.77 34.34
CA SER B 100 -13.32 21.37 34.51
C SER B 100 -13.75 20.79 35.84
N ASP B 101 -13.91 19.48 35.86
CA ASP B 101 -14.28 18.74 37.05
C ASP B 101 -13.06 18.52 37.95
N ALA B 102 -13.31 18.42 39.25
CA ALA B 102 -12.23 18.13 40.20
C ALA B 102 -11.80 16.68 39.95
N THR B 103 -10.50 16.44 39.99
CA THR B 103 -10.00 15.08 39.71
C THR B 103 -9.59 14.32 40.96
N GLU B 104 -9.38 15.01 42.06
CA GLU B 104 -8.98 14.35 43.31
C GLU B 104 -10.00 13.29 43.71
N GLY B 105 -9.54 12.07 43.97
CA GLY B 105 -10.38 10.96 44.35
C GLY B 105 -11.16 10.34 43.20
N SER B 106 -10.91 10.75 41.96
CA SER B 106 -11.61 10.21 40.81
C SER B 106 -10.99 8.91 40.32
N GLY B 107 -9.75 8.67 40.70
CA GLY B 107 -9.03 7.46 40.24
C GLY B 107 -8.05 7.89 39.14
N TYR B 108 -8.14 9.17 38.77
CA TYR B 108 -7.22 9.74 37.80
C TYR B 108 -6.31 10.77 38.46
N GLU B 109 -5.02 10.52 38.42
CA GLU B 109 -4.02 11.49 38.92
C GLU B 109 -3.73 12.44 37.74
N VAL B 110 -4.06 13.71 37.88
CA VAL B 110 -3.92 14.66 36.78
C VAL B 110 -3.11 15.90 37.16
N SER B 111 -2.14 16.24 36.33
CA SER B 111 -1.38 17.48 36.51
C SER B 111 -1.19 18.13 35.13
N ILE B 112 -1.50 19.42 35.03
CA ILE B 112 -1.30 20.12 33.75
C ILE B 112 -0.10 21.05 33.92
N ASN B 113 0.96 20.77 33.18
CA ASN B 113 2.16 21.61 33.25
C ASN B 113 3.00 21.42 31.99
N ASP B 114 4.16 22.07 31.91
CA ASP B 114 4.99 21.91 30.71
C ASP B 114 6.26 21.14 30.99
N ASP B 115 6.27 20.30 32.03
CA ASP B 115 7.42 19.45 32.32
C ASP B 115 7.27 18.21 31.43
N ARG B 116 8.24 17.97 30.54
CA ARG B 116 8.12 16.87 29.59
C ARG B 116 9.20 15.83 29.70
N GLN B 117 9.97 15.83 30.79
CA GLN B 117 11.06 14.88 30.96
C GLN B 117 10.63 13.42 30.88
N GLY B 118 9.44 13.07 31.35
CA GLY B 118 9.01 11.67 31.33
C GLY B 118 8.27 11.19 30.11
N LEU B 119 8.09 12.02 29.07
CA LEU B 119 7.36 11.56 27.88
C LEU B 119 8.22 10.64 27.03
N PRO B 120 7.65 9.53 26.55
CA PRO B 120 8.36 8.58 25.70
C PRO B 120 8.62 9.14 24.32
N ASP B 121 9.59 8.54 23.60
CA ASP B 121 9.90 9.00 22.25
C ASP B 121 8.72 8.65 21.31
N ALA B 122 8.63 9.41 20.22
CA ALA B 122 7.60 9.18 19.22
C ALA B 122 7.85 7.84 18.53
N ILE B 123 6.75 7.11 18.25
CA ILE B 123 6.86 5.84 17.53
C ILE B 123 7.19 6.08 16.07
N GLN B 124 6.43 6.98 15.44
CA GLN B 124 6.53 7.33 14.04
C GLN B 124 6.57 8.84 13.85
N ALA B 125 7.79 9.38 13.82
CA ALA B 125 7.95 10.83 13.63
C ALA B 125 7.42 11.26 12.26
N GLU B 126 6.76 12.40 12.23
CA GLU B 126 6.26 13.02 11.00
C GLU B 126 5.92 14.49 11.25
N VAL B 127 5.88 15.28 10.20
CA VAL B 127 5.73 16.73 10.29
C VAL B 127 4.69 17.25 11.24
N PHE B 128 3.44 16.80 11.18
CA PHE B 128 2.39 17.37 12.04
C PHE B 128 2.51 16.94 13.49
N LEU B 129 3.14 15.80 13.75
CA LEU B 129 3.42 15.38 15.13
C LEU B 129 4.42 16.35 15.73
N HIS B 130 5.47 16.69 14.95
CA HIS B 130 6.46 17.65 15.46
C HIS B 130 5.82 19.02 15.69
N LEU B 131 4.90 19.42 14.81
CA LEU B 131 4.27 20.74 14.93
C LEU B 131 3.49 20.85 16.23
N THR B 132 2.68 19.81 16.50
CA THR B 132 1.88 19.80 17.72
C THR B 132 2.74 19.72 18.95
N GLU B 133 3.81 18.94 18.94
CA GLU B 133 4.73 18.87 20.08
C GLU B 133 5.35 20.24 20.33
N SER B 134 5.76 20.89 19.24
CA SER B 134 6.42 22.19 19.38
C SER B 134 5.49 23.28 19.86
N LEU B 135 4.26 23.36 19.37
CA LEU B 135 3.36 24.46 19.72
C LEU B 135 2.50 24.25 20.93
N ALA B 136 2.21 23.02 21.34
CA ALA B 136 1.37 22.84 22.54
C ALA B 136 1.98 23.59 23.72
N GLN B 137 1.15 24.36 24.42
CA GLN B 137 1.64 25.19 25.53
C GLN B 137 1.74 24.47 26.85
N SER B 138 1.13 23.31 26.97
CA SER B 138 1.19 22.51 28.19
C SER B 138 0.91 21.05 27.88
N VAL B 139 1.17 20.19 28.85
CA VAL B 139 0.90 18.77 28.68
C VAL B 139 -0.06 18.31 29.77
N THR B 140 -1.08 17.56 29.40
CA THR B 140 -1.99 16.97 30.40
C THR B 140 -1.40 15.62 30.85
N HIS B 141 -0.77 15.62 32.01
CA HIS B 141 -0.20 14.39 32.56
C HIS B 141 -1.27 13.63 33.33
N ILE B 142 -1.66 12.49 32.81
CA ILE B 142 -2.70 11.66 33.41
C ILE B 142 -2.13 10.31 33.81
N ALA B 143 -2.52 9.84 34.99
CA ALA B 143 -2.05 8.54 35.44
C ALA B 143 -3.12 7.81 36.25
N VAL B 144 -3.22 6.52 36.01
CA VAL B 144 -4.09 5.62 36.77
C VAL B 144 -3.13 4.64 37.47
N LYS B 145 -3.18 4.59 38.79
CA LYS B 145 -2.24 3.79 39.56
C LYS B 145 -2.49 2.30 39.46
N ARG B 146 -1.49 1.53 39.87
CA ARG B 146 -1.53 0.08 39.85
C ARG B 146 -2.85 -0.49 40.35
N GLY B 147 -3.48 -1.35 39.55
CA GLY B 147 -4.71 -2.02 39.84
C GLY B 147 -5.95 -1.16 39.99
N GLN B 148 -5.88 0.13 39.71
CA GLN B 148 -7.01 1.02 39.88
C GLN B 148 -7.95 0.97 38.68
N ARG B 149 -9.25 1.04 38.95
CA ARG B 149 -10.28 1.04 37.93
C ARG B 149 -11.27 2.17 38.19
N PRO B 150 -11.01 3.36 37.68
CA PRO B 150 -11.87 4.51 37.88
C PRO B 150 -13.31 4.19 37.57
N ALA B 151 -14.23 4.73 38.38
CA ALA B 151 -15.65 4.45 38.19
C ALA B 151 -16.24 5.11 36.96
N LYS B 152 -15.75 6.29 36.61
CA LYS B 152 -16.25 7.04 35.45
C LYS B 152 -15.16 7.21 34.40
N PRO B 153 -15.54 7.27 33.14
CA PRO B 153 -14.57 7.51 32.07
C PRO B 153 -14.05 8.94 32.16
N LEU B 154 -12.84 9.15 31.70
CA LEU B 154 -12.21 10.47 31.66
C LEU B 154 -12.54 11.10 30.30
N LEU B 155 -13.09 12.30 30.33
CA LEU B 155 -13.45 12.99 29.09
C LEU B 155 -12.57 14.22 28.87
N LEU B 156 -11.87 14.24 27.74
CA LEU B 156 -11.06 15.41 27.36
C LEU B 156 -11.83 16.21 26.31
N MET B 157 -12.48 17.30 26.74
CA MET B 157 -13.27 18.10 25.83
C MET B 157 -12.49 19.30 25.32
N HIS B 158 -12.36 19.39 24.00
CA HIS B 158 -11.59 20.43 23.34
C HIS B 158 -12.51 21.36 22.57
N ILE B 159 -12.47 22.65 22.93
CA ILE B 159 -13.31 23.62 22.24
C ILE B 159 -12.40 24.63 21.56
N THR B 160 -12.40 24.61 20.23
CA THR B 160 -11.53 25.54 19.48
C THR B 160 -12.37 26.47 18.64
N GLN B 161 -11.96 27.74 18.56
CA GLN B 161 -12.69 28.71 17.75
C GLN B 161 -11.79 29.41 16.75
N GLY B 162 -12.39 29.80 15.62
CA GLY B 162 -11.67 30.58 14.62
C GLY B 162 -11.91 32.07 14.95
N VAL B 163 -11.17 32.94 14.30
CA VAL B 163 -11.34 34.38 14.50
C VAL B 163 -12.02 34.98 13.26
N ALA B 164 -12.62 36.16 13.42
CA ALA B 164 -13.29 36.76 12.26
C ALA B 164 -12.24 37.19 11.23
N GLY B 165 -12.62 37.22 9.96
CA GLY B 165 -11.69 37.60 8.91
C GLY B 165 -11.09 36.39 8.20
N GLU B 166 -9.96 36.59 7.54
CA GLU B 166 -9.30 35.54 6.77
C GLU B 166 -8.25 34.78 7.57
N GLU B 167 -7.82 35.28 8.72
CA GLU B 167 -6.82 34.63 9.52
C GLU B 167 -7.33 33.28 10.07
N VAL B 168 -6.39 32.36 10.26
CA VAL B 168 -6.69 31.02 10.76
C VAL B 168 -6.10 30.80 12.14
N ASN B 169 -6.98 30.73 13.13
CA ASN B 169 -6.55 30.48 14.50
C ASN B 169 -6.11 29.01 14.62
N THR B 170 -5.02 28.79 15.32
CA THR B 170 -4.51 27.43 15.48
C THR B 170 -4.28 27.10 16.96
N ALA B 171 -4.67 25.90 17.34
CA ALA B 171 -4.54 25.42 18.71
C ALA B 171 -4.01 23.98 18.66
N HIS B 172 -3.03 23.68 19.49
CA HIS B 172 -2.41 22.35 19.52
C HIS B 172 -2.48 21.76 20.92
N TYR B 173 -3.08 20.58 21.02
CA TYR B 173 -3.33 19.94 22.32
C TYR B 173 -2.43 18.73 22.52
N ARG B 174 -1.92 18.57 23.74
CA ARG B 174 -1.00 17.47 24.02
C ARG B 174 -1.32 16.83 25.36
N HIS B 175 -1.56 15.53 25.37
CA HIS B 175 -1.89 14.79 26.58
C HIS B 175 -1.13 13.46 26.61
N HIS B 176 -0.84 12.98 27.82
CA HIS B 176 -0.19 11.70 28.01
C HIS B 176 -0.85 10.94 29.16
N LEU B 177 -1.21 9.69 28.91
CA LEU B 177 -1.84 8.84 29.90
C LEU B 177 -0.97 7.63 30.17
N ASP B 178 -0.72 7.38 31.46
CA ASP B 178 0.01 6.19 31.87
C ASP B 178 -0.97 5.29 32.65
N LEU B 179 -1.19 4.10 32.16
CA LEU B 179 -2.00 3.12 32.87
C LEU B 179 -1.03 2.13 33.51
N ALA B 180 -0.91 2.18 34.83
CA ALA B 180 0.04 1.29 35.50
C ALA B 180 -0.47 -0.15 35.48
N GLU B 181 0.36 -1.08 35.93
CA GLU B 181 0.00 -2.48 35.91
C GLU B 181 -1.38 -2.74 36.51
N GLY B 182 -2.20 -3.52 35.81
CA GLY B 182 -3.51 -3.92 36.23
C GLY B 182 -4.56 -2.84 36.23
N ALA B 183 -4.22 -1.62 35.83
CA ALA B 183 -5.17 -0.51 35.79
C ALA B 183 -6.11 -0.67 34.58
N GLU B 184 -7.34 -0.21 34.73
CA GLU B 184 -8.32 -0.29 33.65
C GLU B 184 -9.06 1.03 33.53
N ALA B 185 -9.02 1.63 32.34
CA ALA B 185 -9.70 2.92 32.21
C ALA B 185 -10.18 3.16 30.77
N THR B 186 -11.21 3.99 30.70
CA THR B 186 -11.77 4.45 29.43
C THR B 186 -11.51 5.96 29.35
N VAL B 187 -10.92 6.39 28.25
CA VAL B 187 -10.66 7.82 28.04
C VAL B 187 -11.28 8.24 26.70
N ILE B 188 -11.96 9.38 26.69
CA ILE B 188 -12.62 9.88 25.51
C ILE B 188 -12.08 11.26 25.12
N GLU B 189 -11.69 11.41 23.85
CA GLU B 189 -11.31 12.70 23.31
C GLU B 189 -12.49 13.25 22.51
N HIS B 190 -12.92 14.46 22.84
CA HIS B 190 -14.02 15.10 22.10
C HIS B 190 -13.58 16.45 21.56
N PHE B 191 -13.68 16.65 20.25
CA PHE B 191 -13.27 17.91 19.62
C PHE B 191 -14.47 18.60 18.99
N VAL B 192 -14.72 19.86 19.36
CA VAL B 192 -15.83 20.62 18.79
C VAL B 192 -15.34 22.03 18.43
N SER B 193 -16.10 22.69 17.57
CA SER B 193 -15.80 24.07 17.19
C SER B 193 -16.79 25.00 17.92
N LEU B 194 -16.32 26.15 18.33
CA LEU B 194 -17.22 27.09 19.05
C LEU B 194 -18.29 27.64 18.10
N ASN B 195 -17.90 27.90 16.87
CA ASN B 195 -18.82 28.41 15.85
C ASN B 195 -18.39 27.98 14.46
N ASP B 196 -18.88 28.66 13.42
CA ASP B 196 -18.55 28.29 12.06
C ASP B 196 -17.22 28.82 11.56
N ALA B 197 -16.54 29.67 12.32
CA ALA B 197 -15.26 30.20 11.85
C ALA B 197 -14.25 29.05 11.78
N ARG B 198 -13.48 29.03 10.70
CA ARG B 198 -12.51 27.94 10.55
C ARG B 198 -11.31 28.09 11.46
N HIS B 199 -10.75 26.95 11.88
CA HIS B 199 -9.54 26.95 12.70
C HIS B 199 -8.68 25.75 12.29
N PHE B 200 -7.47 25.70 12.79
CA PHE B 200 -6.53 24.63 12.54
C PHE B 200 -6.19 23.95 13.87
N THR B 201 -6.79 22.80 14.10
CA THR B 201 -6.55 22.03 15.32
C THR B 201 -5.47 20.97 15.12
N GLY B 202 -4.51 20.96 16.03
CA GLY B 202 -3.49 19.91 16.10
C GLY B 202 -3.66 19.18 17.43
N ALA B 203 -3.44 17.87 17.44
CA ALA B 203 -3.62 17.11 18.68
C ALA B 203 -2.69 15.91 18.72
N ARG B 204 -2.32 15.53 19.94
CA ARG B 204 -1.42 14.40 20.17
C ARG B 204 -1.68 13.81 21.56
N PHE B 205 -2.27 12.63 21.56
CA PHE B 205 -2.53 11.89 22.81
C PHE B 205 -1.65 10.64 22.81
N THR B 206 -0.71 10.57 23.74
CA THR B 206 0.15 9.38 23.81
C THR B 206 -0.19 8.59 25.08
N ILE B 207 -0.25 7.27 24.96
CA ILE B 207 -0.68 6.41 26.04
C ILE B 207 0.23 5.20 26.21
N ASN B 208 0.62 4.99 27.47
CA ASN B 208 1.41 3.83 27.84
C ASN B 208 0.54 2.84 28.62
N VAL B 209 0.48 1.61 28.15
CA VAL B 209 -0.30 0.56 28.77
C VAL B 209 0.62 -0.52 29.33
N ALA B 210 0.70 -0.57 30.67
CA ALA B 210 1.56 -1.53 31.35
C ALA B 210 0.99 -2.93 31.38
N ALA B 211 1.78 -3.86 31.92
CA ALA B 211 1.35 -5.25 32.02
C ALA B 211 0.00 -5.40 32.72
N ASN B 212 -0.88 -6.21 32.17
CA ASN B 212 -2.19 -6.50 32.70
C ASN B 212 -3.14 -5.31 32.74
N ALA B 213 -2.79 -4.21 32.10
CA ALA B 213 -3.64 -3.03 32.07
C ALA B 213 -4.61 -3.15 30.89
N HIS B 214 -5.71 -2.44 30.97
CA HIS B 214 -6.78 -2.48 29.97
C HIS B 214 -7.21 -1.08 29.59
N LEU B 215 -6.96 -0.70 28.33
CA LEU B 215 -7.33 0.62 27.86
C LEU B 215 -8.52 0.56 26.89
N GLN B 216 -9.42 1.52 27.05
CA GLN B 216 -10.50 1.77 26.11
C GLN B 216 -10.40 3.23 25.68
N HIS B 217 -10.02 3.49 24.44
CA HIS B 217 -9.86 4.86 23.96
C HIS B 217 -10.91 5.17 22.89
N ILE B 218 -11.55 6.32 23.02
CA ILE B 218 -12.55 6.78 22.06
C ILE B 218 -12.19 8.19 21.60
N LYS B 219 -12.19 8.43 20.28
CA LYS B 219 -11.94 9.78 19.78
C LYS B 219 -13.15 10.24 18.94
N LEU B 220 -13.70 11.40 19.29
CA LEU B 220 -14.85 11.96 18.57
C LEU B 220 -14.45 13.31 17.99
N ALA B 221 -14.04 13.29 16.72
CA ALA B 221 -13.56 14.51 16.06
C ALA B 221 -14.75 15.15 15.35
N PHE B 222 -15.46 16.04 16.04
CA PHE B 222 -16.71 16.62 15.57
C PHE B 222 -16.64 18.11 15.35
N GLU B 223 -15.56 18.61 14.74
CA GLU B 223 -15.41 20.04 14.49
C GLU B 223 -16.17 20.48 13.26
N ASN B 224 -16.27 21.78 13.03
CA ASN B 224 -17.09 22.32 11.94
C ASN B 224 -16.61 21.93 10.56
N PRO B 225 -17.40 22.20 9.52
CA PRO B 225 -17.10 21.83 8.17
C PRO B 225 -15.95 22.52 7.48
N LEU B 226 -15.40 23.60 8.00
CA LEU B 226 -14.33 24.34 7.35
C LEU B 226 -12.95 24.20 7.95
N SER B 227 -12.82 23.54 9.11
CA SER B 227 -11.55 23.50 9.79
C SER B 227 -10.61 22.38 9.38
N HIS B 228 -9.37 22.49 9.85
CA HIS B 228 -8.35 21.46 9.59
C HIS B 228 -8.04 20.75 10.90
N HIS B 229 -7.94 19.42 10.87
CA HIS B 229 -7.64 18.68 12.10
C HIS B 229 -6.50 17.70 11.82
N PHE B 230 -5.33 17.93 12.40
CA PHE B 230 -4.16 17.07 12.12
C PHE B 230 -3.64 16.53 13.46
N ALA B 231 -3.79 15.20 13.64
CA ALA B 231 -3.47 14.61 14.95
C ALA B 231 -2.69 13.31 14.80
N HIS B 232 -1.95 12.98 15.86
CA HIS B 232 -1.15 11.77 15.87
C HIS B 232 -1.08 11.23 17.30
N ASN B 233 -1.74 10.09 17.52
CA ASN B 233 -1.72 9.44 18.82
C ASN B 233 -0.79 8.24 18.83
N ASP B 234 -0.19 7.97 19.99
CA ASP B 234 0.69 6.82 20.15
C ASP B 234 0.15 5.89 21.25
N LEU B 235 0.19 4.61 20.98
CA LEU B 235 -0.18 3.59 21.96
C LEU B 235 1.02 2.67 22.15
N LEU B 236 1.48 2.57 23.40
CA LEU B 236 2.62 1.74 23.71
C LEU B 236 2.18 0.65 24.69
N LEU B 237 2.18 -0.59 24.23
CA LEU B 237 1.72 -1.69 25.06
C LEU B 237 2.85 -2.60 25.54
N ALA B 238 2.79 -2.96 26.81
CA ALA B 238 3.74 -3.92 27.39
C ALA B 238 3.15 -5.32 27.23
N GLU B 239 3.58 -6.28 28.03
CA GLU B 239 3.08 -7.65 27.96
C GLU B 239 1.77 -7.83 28.69
N ASP B 240 0.95 -8.81 28.26
CA ASP B 240 -0.33 -9.14 28.87
C ASP B 240 -1.25 -7.93 28.96
N ALA B 241 -1.20 -7.04 27.97
CA ALA B 241 -1.94 -5.80 27.99
C ALA B 241 -3.04 -5.83 26.93
N THR B 242 -4.06 -5.00 27.15
CA THR B 242 -5.18 -4.93 26.21
C THR B 242 -5.49 -3.48 25.91
N ALA B 243 -5.69 -3.17 24.61
CA ALA B 243 -6.03 -1.80 24.27
C ALA B 243 -6.98 -1.79 23.07
N PHE B 244 -8.05 -1.04 23.22
CA PHE B 244 -9.03 -0.84 22.15
C PHE B 244 -9.09 0.66 21.85
N SER B 245 -9.02 1.06 20.59
CA SER B 245 -9.14 2.48 20.23
C SER B 245 -10.17 2.62 19.10
N HIS B 246 -11.17 3.46 19.33
CA HIS B 246 -12.25 3.68 18.37
C HIS B 246 -12.34 5.16 17.99
N SER B 247 -12.17 5.47 16.71
CA SER B 247 -12.19 6.87 16.28
C SER B 247 -13.34 7.15 15.33
N PHE B 248 -14.09 8.18 15.65
CA PHE B 248 -15.22 8.62 14.80
C PHE B 248 -14.86 9.99 14.26
N LEU B 249 -14.35 10.02 13.03
CA LEU B 249 -13.78 11.20 12.41
C LEU B 249 -14.85 11.87 11.55
N LEU B 250 -15.65 12.71 12.20
CA LEU B 250 -16.84 13.29 11.60
C LEU B 250 -16.87 14.79 11.72
N GLY B 251 -15.80 15.45 11.30
CA GLY B 251 -15.74 16.92 11.39
C GLY B 251 -14.48 17.46 10.73
N GLY B 252 -14.57 18.70 10.26
CA GLY B 252 -13.48 19.35 9.57
C GLY B 252 -13.59 19.24 8.06
N ALA B 253 -12.99 20.20 7.37
CA ALA B 253 -12.90 20.21 5.91
C ALA B 253 -11.85 19.19 5.48
N VAL B 254 -10.74 19.19 6.22
CA VAL B 254 -9.62 18.29 5.94
C VAL B 254 -9.15 17.76 7.31
N LEU B 255 -9.18 16.44 7.44
CA LEU B 255 -8.75 15.83 8.70
C LEU B 255 -7.78 14.70 8.37
N ARG B 256 -6.70 14.63 9.16
CA ARG B 256 -5.71 13.59 9.00
C ARG B 256 -5.34 13.10 10.41
N HIS B 257 -5.81 11.91 10.72
CA HIS B 257 -5.54 11.31 12.03
C HIS B 257 -4.64 10.09 11.90
N ASN B 258 -3.59 10.04 12.71
CA ASN B 258 -2.68 8.91 12.78
C ASN B 258 -2.79 8.26 14.17
N THR B 259 -2.80 6.95 14.20
CA THR B 259 -2.59 6.20 15.43
C THR B 259 -1.39 5.28 15.19
N SER B 260 -0.31 5.50 15.94
CA SER B 260 0.88 4.66 15.84
C SER B 260 0.93 3.80 17.12
N THR B 261 1.24 2.53 16.95
CA THR B 261 1.25 1.61 18.10
C THR B 261 2.44 0.69 18.08
N GLN B 262 2.99 0.42 19.28
CA GLN B 262 4.01 -0.59 19.43
C GLN B 262 3.53 -1.68 20.40
N LEU B 263 3.59 -2.91 19.97
CA LEU B 263 3.33 -4.06 20.85
C LEU B 263 4.71 -4.53 21.31
N ASN B 264 5.11 -4.04 22.47
CA ASN B 264 6.44 -4.28 22.99
C ASN B 264 6.53 -5.39 24.02
N GLY B 265 5.47 -6.15 24.19
CA GLY B 265 5.45 -7.27 25.12
C GLY B 265 4.60 -8.40 24.55
N GLU B 266 4.90 -9.64 24.95
CA GLU B 266 4.13 -10.78 24.47
C GLU B 266 2.73 -10.86 25.08
N ASN B 267 1.84 -11.60 24.42
CA ASN B 267 0.54 -11.94 24.90
C ASN B 267 -0.40 -10.76 25.11
N SER B 268 -0.35 -9.78 24.20
CA SER B 268 -1.22 -8.61 24.31
C SER B 268 -2.29 -8.61 23.21
N THR B 269 -3.33 -7.85 23.45
CA THR B 269 -4.46 -7.78 22.51
C THR B 269 -4.73 -6.33 22.13
N LEU B 270 -4.86 -6.09 20.82
CA LEU B 270 -5.07 -4.75 20.31
C LEU B 270 -6.18 -4.68 19.27
N ARG B 271 -7.02 -3.66 19.39
CA ARG B 271 -8.03 -3.39 18.36
C ARG B 271 -7.99 -1.89 18.04
N ILE B 272 -7.84 -1.54 16.76
CA ILE B 272 -7.88 -0.13 16.37
C ILE B 272 -8.90 0.02 15.22
N ASN B 273 -9.95 0.78 15.49
CA ASN B 273 -11.01 0.99 14.50
C ASN B 273 -11.17 2.48 14.21
N SER B 274 -11.76 2.79 13.05
CA SER B 274 -12.09 4.18 12.71
C SER B 274 -13.25 4.22 11.72
N LEU B 275 -14.00 5.29 11.77
CA LEU B 275 -15.10 5.55 10.82
C LEU B 275 -14.85 6.92 10.19
N ALA B 276 -14.92 7.03 8.88
CA ALA B 276 -14.72 8.31 8.20
C ALA B 276 -15.93 8.49 7.25
N MET B 277 -16.48 9.69 7.20
CA MET B 277 -17.66 9.92 6.34
C MET B 277 -17.63 11.26 5.64
N PRO B 278 -16.63 11.51 4.81
CA PRO B 278 -16.53 12.79 4.12
C PRO B 278 -17.72 13.07 3.22
N VAL B 279 -18.16 14.33 3.24
CA VAL B 279 -19.25 14.80 2.38
C VAL B 279 -18.77 16.07 1.70
N LYS B 280 -19.64 16.71 0.92
CA LYS B 280 -19.28 17.97 0.26
C LYS B 280 -17.96 17.83 -0.48
N ASN B 281 -16.97 18.63 -0.14
CA ASN B 281 -15.65 18.60 -0.77
C ASN B 281 -14.59 18.20 0.26
N GLU B 282 -15.02 17.50 1.29
CA GLU B 282 -14.14 17.12 2.39
C GLU B 282 -13.14 16.02 2.07
N VAL B 283 -12.05 16.02 2.84
CA VAL B 283 -11.07 14.95 2.74
C VAL B 283 -10.88 14.41 4.18
N CYS B 284 -11.08 13.12 4.36
CA CYS B 284 -10.91 12.51 5.70
C CYS B 284 -9.87 11.40 5.54
N ASP B 285 -8.75 11.57 6.22
CA ASP B 285 -7.57 10.72 6.09
C ASP B 285 -7.28 10.00 7.42
N THR B 286 -7.49 8.70 7.42
CA THR B 286 -7.35 7.89 8.64
C THR B 286 -6.22 6.89 8.46
N ARG B 287 -5.23 6.97 9.36
CA ARG B 287 -3.98 6.22 9.18
C ARG B 287 -3.55 5.49 10.44
N THR B 288 -2.93 4.33 10.25
CA THR B 288 -2.39 3.58 11.41
C THR B 288 -1.02 3.01 11.05
N TRP B 289 -0.21 2.85 12.08
CA TRP B 289 1.14 2.29 11.97
C TRP B 289 1.28 1.34 13.17
N LEU B 290 1.53 0.07 12.90
CA LEU B 290 1.57 -0.91 13.97
C LEU B 290 2.82 -1.76 13.87
N GLU B 291 3.51 -1.89 15.02
CA GLU B 291 4.71 -2.69 15.13
C GLU B 291 4.50 -3.86 16.06
N HIS B 292 4.46 -5.07 15.53
CA HIS B 292 4.41 -6.28 16.38
C HIS B 292 5.89 -6.58 16.70
N ASN B 293 6.38 -6.01 17.79
CA ASN B 293 7.80 -6.15 18.11
C ASN B 293 8.10 -7.40 18.91
N LYS B 294 7.09 -7.92 19.59
CA LYS B 294 7.17 -9.17 20.34
C LYS B 294 6.11 -10.12 19.80
N GLY B 295 6.30 -11.41 19.97
CA GLY B 295 5.31 -12.37 19.49
C GLY B 295 4.10 -12.51 20.38
N PHE B 296 3.27 -13.50 20.06
CA PHE B 296 2.09 -13.91 20.80
C PHE B 296 1.07 -12.80 21.00
N CYS B 297 0.99 -11.81 20.09
CA CYS B 297 0.00 -10.76 20.22
C CYS B 297 -1.03 -10.87 19.09
N ASN B 298 -2.24 -10.44 19.40
CA ASN B 298 -3.35 -10.46 18.47
C ASN B 298 -3.78 -9.02 18.18
N SER B 299 -3.80 -8.65 16.90
CA SER B 299 -4.27 -7.30 16.57
C SER B 299 -5.37 -7.39 15.52
N ARG B 300 -6.35 -6.50 15.66
CA ARG B 300 -7.46 -6.48 14.70
C ARG B 300 -7.78 -5.02 14.40
N GLN B 301 -7.92 -4.69 13.11
CA GLN B 301 -8.25 -3.32 12.76
C GLN B 301 -9.43 -3.32 11.78
N LEU B 302 -10.37 -2.43 12.05
CA LEU B 302 -11.52 -2.29 11.15
C LEU B 302 -11.72 -0.81 10.85
N HIS B 303 -11.49 -0.43 9.58
CA HIS B 303 -11.63 0.97 9.19
C HIS B 303 -12.66 1.07 8.07
N LYS B 304 -13.80 1.69 8.38
CA LYS B 304 -14.88 1.78 7.38
C LYS B 304 -15.13 3.21 6.97
N THR B 305 -15.38 3.43 5.66
CA THR B 305 -15.59 4.80 5.22
C THR B 305 -16.87 4.86 4.38
N ILE B 306 -17.56 5.99 4.44
CA ILE B 306 -18.74 6.25 3.61
C ILE B 306 -18.52 7.62 2.97
N VAL B 307 -18.32 7.62 1.64
CA VAL B 307 -17.94 8.86 0.96
C VAL B 307 -19.06 9.39 0.08
N SER B 308 -19.48 10.63 0.31
CA SER B 308 -20.57 11.20 -0.49
C SER B 308 -20.10 12.42 -1.27
N ASP B 309 -20.99 12.94 -2.12
CA ASP B 309 -20.71 14.17 -2.86
C ASP B 309 -19.35 14.14 -3.54
N LYS B 310 -18.54 15.17 -3.37
CA LYS B 310 -17.20 15.21 -3.95
C LYS B 310 -16.16 14.92 -2.86
N GLY B 311 -16.61 14.12 -1.88
CA GLY B 311 -15.74 13.78 -0.76
C GLY B 311 -14.62 12.84 -1.20
N ARG B 312 -13.63 12.70 -0.33
CA ARG B 312 -12.54 11.75 -0.56
C ARG B 312 -12.12 11.15 0.79
N ALA B 313 -12.16 9.83 0.88
CA ALA B 313 -11.62 9.17 2.08
C ALA B 313 -10.24 8.61 1.72
N VAL B 314 -9.33 8.66 2.66
CA VAL B 314 -7.96 8.16 2.44
C VAL B 314 -7.62 7.22 3.61
N PHE B 315 -7.24 5.98 3.28
CA PHE B 315 -6.82 5.06 4.35
C PHE B 315 -5.36 4.66 4.14
N ASN B 316 -4.60 4.58 5.21
CA ASN B 316 -3.21 4.11 5.11
C ASN B 316 -2.94 3.27 6.36
N GLY B 317 -2.53 2.01 6.16
CA GLY B 317 -2.32 1.17 7.37
C GLY B 317 -1.08 0.32 7.14
N LEU B 318 -0.09 0.48 8.01
CA LEU B 318 1.14 -0.30 7.90
C LEU B 318 1.27 -1.22 9.11
N ILE B 319 1.51 -2.49 8.84
CA ILE B 319 1.79 -3.45 9.91
C ILE B 319 3.18 -4.02 9.66
N ASN B 320 4.07 -3.85 10.64
CA ASN B 320 5.41 -4.41 10.56
C ASN B 320 5.54 -5.48 11.66
N VAL B 321 5.88 -6.68 11.26
CA VAL B 321 6.05 -7.80 12.22
C VAL B 321 7.53 -8.13 12.31
N ALA B 322 8.13 -7.85 13.47
CA ALA B 322 9.55 -8.02 13.64
C ALA B 322 10.00 -9.47 13.61
N GLN B 323 11.27 -9.63 13.23
CA GLN B 323 11.83 -10.99 13.21
C GLN B 323 11.60 -11.66 14.56
N HIS B 324 11.30 -12.93 14.56
CA HIS B 324 11.08 -13.71 15.77
C HIS B 324 9.81 -13.41 16.53
N ALA B 325 8.93 -12.56 16.00
CA ALA B 325 7.65 -12.28 16.66
C ALA B 325 6.67 -13.38 16.30
N ILE B 326 6.99 -14.61 16.71
CA ILE B 326 6.16 -15.76 16.41
C ILE B 326 4.81 -15.69 17.09
N LYS B 327 3.85 -16.38 16.49
CA LYS B 327 2.48 -16.45 16.93
C LYS B 327 1.80 -15.08 16.87
N THR B 328 2.28 -14.22 16.00
CA THR B 328 1.61 -12.93 15.74
C THR B 328 0.33 -13.31 14.96
N ASP B 329 -0.77 -12.70 15.34
CA ASP B 329 -2.05 -12.94 14.63
C ASP B 329 -2.62 -11.55 14.35
N GLY B 330 -2.37 -11.01 13.17
CA GLY B 330 -2.77 -9.63 12.89
C GLY B 330 -3.65 -9.54 11.65
N GLN B 331 -4.74 -8.79 11.78
CA GLN B 331 -5.68 -8.60 10.67
C GLN B 331 -5.97 -7.10 10.51
N MET B 332 -6.20 -6.69 9.28
CA MET B 332 -6.57 -5.30 8.99
C MET B 332 -7.62 -5.28 7.88
N THR B 333 -8.77 -4.68 8.12
CA THR B 333 -9.83 -4.65 7.09
C THR B 333 -10.26 -3.21 6.84
N ASN B 334 -10.37 -2.84 5.56
CA ASN B 334 -10.81 -1.49 5.21
C ASN B 334 -11.96 -1.60 4.20
N ASN B 335 -13.17 -1.30 4.63
CA ASN B 335 -14.34 -1.38 3.73
C ASN B 335 -14.82 0.03 3.40
N ASN B 336 -14.97 0.32 2.10
CA ASN B 336 -15.31 1.67 1.67
C ASN B 336 -16.57 1.68 0.82
N LEU B 337 -17.52 2.50 1.26
CA LEU B 337 -18.80 2.63 0.55
C LEU B 337 -18.85 4.00 -0.12
N LEU B 338 -18.96 4.02 -1.44
CA LEU B 338 -19.00 5.24 -2.23
C LEU B 338 -20.45 5.57 -2.61
N MET B 339 -20.84 6.79 -2.33
CA MET B 339 -22.20 7.24 -2.60
C MET B 339 -22.10 8.35 -3.66
N GLY B 340 -22.37 8.01 -4.91
CA GLY B 340 -22.38 9.00 -5.97
C GLY B 340 -21.18 8.91 -6.89
N LYS B 341 -21.36 9.43 -8.10
CA LYS B 341 -20.37 9.40 -9.15
C LYS B 341 -19.21 10.37 -9.00
N LEU B 342 -19.17 11.22 -7.96
CA LEU B 342 -18.07 12.13 -7.77
C LEU B 342 -17.22 11.76 -6.55
N ALA B 343 -17.59 10.73 -5.83
CA ALA B 343 -16.88 10.30 -4.62
C ALA B 343 -15.57 9.62 -4.96
N GLU B 344 -14.60 9.70 -4.05
CA GLU B 344 -13.29 9.11 -4.27
C GLU B 344 -12.79 8.40 -3.00
N VAL B 345 -12.00 7.34 -3.22
CA VAL B 345 -11.38 6.70 -2.05
C VAL B 345 -10.01 6.17 -2.45
N ASP B 346 -9.00 6.43 -1.61
CA ASP B 346 -7.65 5.95 -1.87
C ASP B 346 -7.21 5.11 -0.65
N THR B 347 -6.79 3.89 -0.88
CA THR B 347 -6.46 3.02 0.25
C THR B 347 -5.19 2.24 0.04
N LYS B 348 -4.33 2.23 1.07
CA LYS B 348 -3.04 1.57 1.01
C LYS B 348 -2.75 0.80 2.31
N PRO B 349 -3.33 -0.37 2.44
CA PRO B 349 -3.05 -1.29 3.55
C PRO B 349 -1.73 -1.98 3.25
N GLN B 350 -0.76 -2.00 4.14
CA GLN B 350 0.57 -2.53 3.82
C GLN B 350 1.09 -3.50 4.85
N LEU B 351 1.97 -4.43 4.42
CA LEU B 351 2.54 -5.40 5.34
C LEU B 351 4.05 -5.56 5.14
N GLU B 352 4.77 -5.57 6.26
CA GLU B 352 6.22 -5.81 6.27
C GLU B 352 6.44 -6.94 7.27
N ILE B 353 6.56 -8.17 6.76
CA ILE B 353 6.50 -9.33 7.65
C ILE B 353 7.82 -10.10 7.67
N TYR B 354 8.47 -10.09 8.83
CA TYR B 354 9.79 -10.70 8.97
C TYR B 354 9.80 -11.90 9.92
N ALA B 355 8.66 -12.51 10.14
CA ALA B 355 8.53 -13.74 10.94
C ALA B 355 7.63 -14.71 10.17
N ASP B 356 7.98 -15.99 10.17
CA ASP B 356 7.21 -16.96 9.41
C ASP B 356 6.02 -17.54 10.16
N ASP B 357 6.21 -17.81 11.44
CA ASP B 357 5.17 -18.48 12.24
C ASP B 357 4.12 -17.49 12.69
N VAL B 358 3.38 -16.95 11.72
CA VAL B 358 2.42 -15.90 11.96
C VAL B 358 1.18 -16.13 11.09
N LYS B 359 0.13 -15.44 11.45
CA LYS B 359 -1.09 -15.41 10.65
C LYS B 359 -1.41 -13.92 10.44
N CYS B 360 -1.05 -13.39 9.29
CA CYS B 360 -1.29 -11.98 9.00
C CYS B 360 -2.04 -11.83 7.68
N SER B 361 -2.98 -10.90 7.67
CA SER B 361 -3.75 -10.69 6.44
C SER B 361 -4.38 -9.30 6.47
N HIS B 362 -4.71 -8.84 5.26
CA HIS B 362 -5.41 -7.55 5.19
C HIS B 362 -6.35 -7.62 3.99
N GLY B 363 -7.33 -6.74 4.00
CA GLY B 363 -8.30 -6.75 2.88
C GLY B 363 -8.85 -5.33 2.76
N ALA B 364 -9.20 -4.96 1.53
CA ALA B 364 -9.79 -3.64 1.31
C ALA B 364 -10.84 -3.83 0.20
N THR B 365 -12.00 -3.24 0.44
CA THR B 365 -13.08 -3.36 -0.53
C THR B 365 -13.63 -1.99 -0.86
N VAL B 366 -14.11 -1.82 -2.10
CA VAL B 366 -14.71 -0.55 -2.49
C VAL B 366 -15.94 -0.87 -3.36
N GLY B 367 -17.05 -0.24 -3.04
CA GLY B 367 -18.27 -0.45 -3.83
C GLY B 367 -19.35 0.53 -3.35
N ARG B 368 -20.55 0.40 -3.92
CA ARG B 368 -21.66 1.28 -3.52
C ARG B 368 -22.75 0.40 -2.92
N ILE B 369 -23.89 1.02 -2.60
CA ILE B 369 -24.98 0.19 -2.07
C ILE B 369 -25.54 -0.58 -3.27
N ASP B 370 -25.47 -1.90 -3.23
CA ASP B 370 -25.96 -2.69 -4.36
C ASP B 370 -27.47 -2.58 -4.46
N ASP B 371 -27.98 -2.49 -5.69
CA ASP B 371 -29.42 -2.42 -5.91
C ASP B 371 -30.14 -3.61 -5.31
N GLU B 372 -29.48 -4.76 -5.34
CA GLU B 372 -29.99 -6.01 -4.77
C GLU B 372 -30.27 -5.86 -3.28
N GLN B 373 -29.38 -5.21 -2.54
CA GLN B 373 -29.59 -5.01 -1.10
C GLN B 373 -30.73 -4.05 -0.83
N ILE B 374 -30.79 -2.95 -1.59
CA ILE B 374 -31.85 -1.96 -1.39
C ILE B 374 -33.20 -2.47 -1.89
N PHE B 375 -33.16 -3.40 -2.83
CA PHE B 375 -34.37 -3.97 -3.42
C PHE B 375 -35.29 -4.57 -2.35
N TYR B 376 -34.70 -5.34 -1.44
CA TYR B 376 -35.47 -6.00 -0.39
C TYR B 376 -35.98 -5.07 0.68
N LEU B 377 -35.43 -3.86 0.79
CA LEU B 377 -36.00 -2.87 1.70
C LEU B 377 -37.14 -2.15 1.00
N ARG B 378 -36.92 -1.77 -0.26
CA ARG B 378 -37.95 -1.10 -1.06
C ARG B 378 -39.17 -1.98 -1.24
N SER B 379 -38.97 -3.29 -1.37
CA SER B 379 -40.09 -4.22 -1.52
C SER B 379 -41.02 -4.23 -0.32
N ARG B 380 -40.55 -3.80 0.86
CA ARG B 380 -41.36 -3.68 2.05
C ARG B 380 -42.06 -2.33 2.15
N GLY B 381 -41.84 -1.44 1.20
CA GLY B 381 -42.47 -0.12 1.24
C GLY B 381 -41.58 0.94 1.86
N ILE B 382 -40.34 0.57 2.21
CA ILE B 382 -39.43 1.58 2.81
C ILE B 382 -38.98 2.53 1.70
N ASN B 383 -39.01 3.83 1.95
CA ASN B 383 -38.61 4.76 0.87
C ASN B 383 -37.10 4.70 0.66
N GLN B 384 -36.65 5.26 -0.46
CA GLN B 384 -35.25 5.22 -0.84
C GLN B 384 -34.29 5.79 0.20
N GLN B 385 -34.54 6.99 0.71
CA GLN B 385 -33.65 7.61 1.68
C GLN B 385 -33.61 6.83 2.99
N ASP B 386 -34.75 6.38 3.46
CA ASP B 386 -34.78 5.56 4.68
C ASP B 386 -34.00 4.26 4.48
N ALA B 387 -34.18 3.63 3.33
CA ALA B 387 -33.47 2.40 2.99
C ALA B 387 -31.97 2.63 2.96
N GLN B 388 -31.55 3.75 2.35
CA GLN B 388 -30.11 4.03 2.34
C GLN B 388 -29.60 4.26 3.76
N GLN B 389 -30.35 4.99 4.57
CA GLN B 389 -29.93 5.22 5.97
C GLN B 389 -29.81 3.91 6.73
N MET B 390 -30.77 3.01 6.58
CA MET B 390 -30.71 1.71 7.25
C MET B 390 -29.45 0.96 6.87
N ILE B 391 -29.16 0.94 5.56
CA ILE B 391 -27.99 0.21 5.08
C ILE B 391 -26.68 0.81 5.58
N ILE B 392 -26.62 2.13 5.63
CA ILE B 392 -25.41 2.81 6.10
C ILE B 392 -25.22 2.60 7.59
N TYR B 393 -26.31 2.70 8.36
CA TYR B 393 -26.16 2.41 9.81
C TYR B 393 -25.69 0.99 10.02
N ALA B 394 -26.24 0.05 9.23
CA ALA B 394 -25.84 -1.35 9.37
C ALA B 394 -24.36 -1.52 9.02
N PHE B 395 -23.90 -0.77 8.03
CA PHE B 395 -22.49 -0.83 7.61
C PHE B 395 -21.60 -0.30 8.72
N ALA B 396 -22.06 0.73 9.44
CA ALA B 396 -21.26 1.29 10.52
C ALA B 396 -21.48 0.57 11.85
N ALA B 397 -22.44 -0.34 11.94
CA ALA B 397 -22.82 -0.94 13.20
C ALA B 397 -21.71 -1.67 13.93
N GLU B 398 -20.85 -2.41 13.22
CA GLU B 398 -19.76 -3.10 13.91
C GLU B 398 -18.90 -2.10 14.67
N LEU B 399 -18.77 -0.89 14.16
CA LEU B 399 -18.01 0.15 14.82
C LEU B 399 -18.77 0.86 15.93
N THR B 400 -20.04 1.23 15.67
CA THR B 400 -20.79 1.98 16.69
C THR B 400 -21.23 1.08 17.84
N GLU B 401 -21.34 -0.21 17.63
CA GLU B 401 -21.72 -1.15 18.68
C GLU B 401 -20.62 -1.35 19.69
N ALA B 402 -19.38 -0.93 19.38
CA ALA B 402 -18.28 -0.98 20.34
C ALA B 402 -18.47 0.03 21.46
N LEU B 403 -19.33 1.03 21.29
CA LEU B 403 -19.58 2.03 22.31
C LEU B 403 -20.54 1.45 23.37
N ARG B 404 -19.99 1.13 24.53
CA ARG B 404 -20.75 0.53 25.62
C ARG B 404 -21.83 1.41 26.19
N ASP B 405 -21.53 2.67 26.47
CA ASP B 405 -22.55 3.58 27.01
C ASP B 405 -23.59 3.87 25.93
N GLU B 406 -24.84 3.47 26.18
CA GLU B 406 -25.89 3.70 25.20
C GLU B 406 -26.13 5.16 24.90
N GLY B 407 -26.09 6.02 25.92
CA GLY B 407 -26.32 7.45 25.72
C GLY B 407 -25.26 8.02 24.77
N LEU B 408 -24.01 7.63 25.00
CA LEU B 408 -22.92 8.08 24.15
C LEU B 408 -23.08 7.58 22.72
N LYS B 409 -23.45 6.30 22.59
CA LYS B 409 -23.66 5.70 21.29
C LYS B 409 -24.72 6.43 20.49
N GLN B 410 -25.83 6.82 21.14
CA GLN B 410 -26.89 7.52 20.45
C GLN B 410 -26.43 8.87 19.91
N GLN B 411 -25.57 9.55 20.66
CA GLN B 411 -24.99 10.82 20.29
C GLN B 411 -24.09 10.71 19.07
N VAL B 412 -23.30 9.63 19.04
CA VAL B 412 -22.43 9.37 17.88
C VAL B 412 -23.29 9.02 16.68
N LEU B 413 -24.35 8.23 16.92
CA LEU B 413 -25.25 7.86 15.82
C LEU B 413 -25.94 9.10 15.26
N ALA B 414 -26.28 10.07 16.12
CA ALA B 414 -26.88 11.31 15.65
C ALA B 414 -25.91 12.14 14.83
N ARG B 415 -24.62 12.12 15.17
CA ARG B 415 -23.60 12.86 14.39
C ARG B 415 -23.43 12.19 13.04
N ILE B 416 -23.51 10.85 13.01
CA ILE B 416 -23.47 10.10 11.76
C ILE B 416 -24.67 10.45 10.89
N GLY B 417 -25.84 10.52 11.50
CA GLY B 417 -27.10 10.83 10.86
C GLY B 417 -27.10 12.11 10.06
N GLN B 418 -26.35 13.12 10.49
CA GLN B 418 -26.26 14.39 9.80
C GLN B 418 -25.58 14.31 8.44
N ARG B 419 -24.84 13.24 8.18
CA ARG B 419 -24.17 13.05 6.90
C ARG B 419 -24.87 12.06 5.99
N LEU B 420 -26.02 11.54 6.37
CA LEU B 420 -26.74 10.55 5.59
C LEU B 420 -27.68 11.20 4.58
N PRO B 421 -28.06 10.46 3.55
CA PRO B 421 -29.00 10.98 2.55
C PRO B 421 -30.27 11.39 3.27
N GLY B 422 -30.67 12.66 3.12
CA GLY B 422 -31.86 13.17 3.76
C GLY B 422 -31.60 13.64 5.18
N GLY B 423 -30.40 13.42 5.70
CA GLY B 423 -30.03 13.82 7.04
C GLY B 423 -31.00 13.31 8.08
#